data_7X2Q
#
_entry.id   7X2Q
#
_cell.length_a   151.100
_cell.length_b   151.100
_cell.length_c   156.910
_cell.angle_alpha   90.000
_cell.angle_beta   90.000
_cell.angle_gamma   120.000
#
_symmetry.space_group_name_H-M   'P 63 2 2'
#
loop_
_entity.id
_entity.type
_entity.pdbx_description
1 polymer 'Sugiol synthase'
2 non-polymer 'PROTOPORPHYRIN IX CONTAINING FE'
3 water water
#
_entity_poly.entity_id   1
_entity_poly.type   'polypeptide(L)'
_entity_poly.pdbx_seq_one_letter_code
;MAKKTSSKGKLPPGPFPYPIVGNMLQLGAQPHETFAKLSKKYGPLMSVHLGSLYTVIVSSPEMAKEIMLKYGTVFSGRTV
AQAVHACDHDKISMGFLPIGAEWRDMRKICKEQMFSHQSMEDSQGLRKQKLQQLLDHAHRCSEQGRAIDIREAAFITTLN
LMSATLFSMQATEFDSKVTMEFKEIIEGVASIVGVPNFADYFPILRPFDPQGVKRRADVYFGRLLALIEGYLNDRIQSRK
ANPDAPKKDDFLETLVDILNSNDNKLKTDHLLHLMLDLFVGGSETSTTEIEWIMEELVAHPDKMAKVKAELKSVMGDEKV
VDESLMPRLPYLQAVVKESMRLHPPGPLLLPRKAESDQVVNGYLIPKGTQVLINAWAMGRDSTIWNNPDAFQPERFLDNK
IDFKGQDYELIPFGSGRRVCPGMPLANRMLHTVTATLVHNFDWKLERPDAPLAEHQGVLFGFAVRRAVPLRIVPYK
;
_entity_poly.pdbx_strand_id   A,B
#
loop_
_chem_comp.id
_chem_comp.type
_chem_comp.name
_chem_comp.formula
HEM non-polymer 'PROTOPORPHYRIN IX CONTAINING FE' 'C34 H32 Fe N4 O4'
#
# COMPACT_ATOMS: atom_id res chain seq x y z
N LYS A 10 37.14 -3.87 0.82
CA LYS A 10 37.16 -3.07 -0.39
C LYS A 10 36.36 -1.78 -0.20
N LEU A 11 35.70 -1.69 0.94
CA LEU A 11 34.82 -0.57 1.25
C LEU A 11 35.63 0.70 1.51
N PRO A 12 34.98 1.87 1.50
CA PRO A 12 35.70 3.11 1.84
C PRO A 12 36.31 3.06 3.23
N PRO A 13 37.34 3.86 3.49
CA PRO A 13 38.02 3.79 4.79
C PRO A 13 37.19 4.42 5.91
N GLY A 14 37.42 3.91 7.12
CA GLY A 14 36.74 4.41 8.29
C GLY A 14 37.39 3.89 9.56
N PRO A 15 36.96 4.43 10.70
CA PRO A 15 37.54 4.00 11.98
C PRO A 15 37.13 2.59 12.36
N PHE A 16 37.94 1.99 13.22
CA PHE A 16 37.82 0.60 13.66
C PHE A 16 36.40 0.32 14.17
N PRO A 17 35.68 -0.62 13.56
CA PRO A 17 34.33 -0.96 14.05
C PRO A 17 34.44 -1.75 15.35
N TYR A 18 33.87 -1.20 16.41
CA TYR A 18 33.86 -1.91 17.68
C TYR A 18 32.75 -2.94 17.67
N PRO A 19 32.88 -4.00 18.48
CA PRO A 19 31.86 -5.05 18.45
C PRO A 19 30.48 -4.51 18.74
N ILE A 20 29.53 -4.88 17.86
CA ILE A 20 28.13 -4.53 17.97
C ILE A 20 27.90 -3.03 17.78
N VAL A 21 28.42 -2.21 18.70
CA VAL A 21 28.19 -0.76 18.60
C VAL A 21 28.85 -0.19 17.36
N GLY A 22 29.95 -0.78 16.90
CA GLY A 22 30.63 -0.26 15.72
C GLY A 22 31.21 1.12 15.97
N ASN A 23 30.88 2.05 15.08
CA ASN A 23 31.32 3.43 15.20
C ASN A 23 30.16 4.31 15.61
N MET A 24 29.45 3.92 16.68
CA MET A 24 28.29 4.66 17.15
C MET A 24 28.54 5.36 18.47
N LEU A 25 29.67 5.10 19.12
CA LEU A 25 30.08 5.83 20.30
C LEU A 25 31.11 6.90 20.01
N GLN A 26 31.86 6.76 18.91
CA GLN A 26 32.90 7.68 18.48
C GLN A 26 32.35 8.98 17.90
N LEU A 27 31.05 9.02 17.61
CA LEU A 27 30.45 10.20 16.98
C LEU A 27 30.38 11.38 17.94
N GLY A 28 30.16 11.12 19.22
CA GLY A 28 29.94 12.18 20.16
C GLY A 28 28.58 12.83 19.95
N ALA A 29 28.44 14.02 20.51
CA ALA A 29 27.21 14.79 20.37
C ALA A 29 27.28 15.66 19.13
N GLN A 30 26.10 15.88 18.53
CA GLN A 30 25.99 16.65 17.28
C GLN A 30 26.88 16.01 16.22
N PRO A 31 26.46 14.87 15.69
CA PRO A 31 27.31 14.11 14.76
C PRO A 31 27.78 14.85 13.51
N HIS A 32 27.00 15.81 13.01
CA HIS A 32 27.30 16.41 11.70
C HIS A 32 28.75 16.91 11.62
N GLU A 33 29.25 17.52 12.70
CA GLU A 33 30.63 18.00 12.71
C GLU A 33 31.63 16.85 12.78
N THR A 34 31.29 15.80 13.52
CA THR A 34 32.22 14.67 13.66
C THR A 34 32.37 13.91 12.34
N PHE A 35 31.27 13.70 11.62
CA PHE A 35 31.38 13.09 10.29
C PHE A 35 32.18 13.96 9.34
N ALA A 36 32.32 15.25 9.66
CA ALA A 36 33.14 16.17 8.89
C ALA A 36 34.61 16.08 9.26
N LYS A 37 34.92 16.16 10.56
CA LYS A 37 36.31 16.15 11.00
C LYS A 37 36.98 14.81 10.70
N LEU A 38 36.25 13.71 10.88
CA LEU A 38 36.79 12.39 10.55
C LEU A 38 37.14 12.28 9.07
N SER A 39 36.52 13.09 8.22
CA SER A 39 36.81 13.04 6.79
C SER A 39 38.18 13.60 6.44
N LYS A 40 38.76 14.44 7.30
CA LYS A 40 40.07 15.02 7.00
C LYS A 40 41.19 13.98 7.12
N LYS A 41 40.93 12.87 7.79
CA LYS A 41 41.87 11.78 7.94
C LYS A 41 41.54 10.57 7.07
N TYR A 42 40.25 10.24 6.93
CA TYR A 42 39.83 9.07 6.17
C TYR A 42 39.46 9.37 4.74
N GLY A 43 38.89 10.53 4.45
CA GLY A 43 38.65 10.92 3.07
C GLY A 43 37.23 11.34 2.80
N PRO A 44 36.93 11.67 1.55
CA PRO A 44 35.55 12.08 1.23
C PRO A 44 34.56 10.94 1.33
N LEU A 45 34.99 9.72 0.98
CA LEU A 45 34.15 8.52 1.09
C LEU A 45 34.55 7.78 2.36
N MET A 46 33.77 7.95 3.41
CA MET A 46 34.01 7.31 4.70
C MET A 46 33.05 6.15 4.92
N SER A 47 33.37 5.33 5.93
CA SER A 47 32.57 4.16 6.29
C SER A 47 32.37 4.16 7.80
N VAL A 48 31.16 4.41 8.24
CA VAL A 48 30.81 4.42 9.66
C VAL A 48 29.79 3.33 9.93
N HIS A 49 30.09 2.49 10.93
CA HIS A 49 29.22 1.37 11.28
C HIS A 49 28.30 1.78 12.42
N LEU A 50 27.22 2.46 12.06
CA LEU A 50 26.21 2.82 13.05
C LEU A 50 25.45 1.58 13.50
N GLY A 51 25.94 0.92 14.55
CA GLY A 51 25.36 -0.33 14.98
C GLY A 51 25.49 -1.36 13.87
N SER A 52 24.35 -1.95 13.50
CA SER A 52 24.31 -2.87 12.36
C SER A 52 24.06 -2.15 11.04
N LEU A 53 23.56 -0.92 11.08
CA LEU A 53 23.24 -0.14 9.89
C LEU A 53 24.53 0.38 9.27
N TYR A 54 24.95 -0.23 8.17
CA TYR A 54 26.13 0.26 7.45
C TYR A 54 25.83 1.61 6.80
N THR A 55 26.81 2.49 6.84
CA THR A 55 26.62 3.86 6.36
C THR A 55 27.91 4.40 5.77
N VAL A 56 27.82 4.98 4.58
CA VAL A 56 28.94 5.63 3.91
C VAL A 56 28.68 7.14 3.91
N ILE A 57 29.65 7.91 4.39
CA ILE A 57 29.56 9.37 4.44
C ILE A 57 30.29 9.93 3.23
N VAL A 58 29.65 10.87 2.53
CA VAL A 58 30.21 11.50 1.34
C VAL A 58 30.27 13.00 1.60
N SER A 59 31.48 13.58 1.49
CA SER A 59 31.71 14.95 1.92
C SER A 59 32.61 15.71 0.95
N SER A 60 32.30 15.63 -0.34
CA SER A 60 33.03 16.41 -1.33
C SER A 60 32.16 16.57 -2.57
N PRO A 61 32.27 17.69 -3.28
CA PRO A 61 31.40 17.89 -4.46
C PRO A 61 31.55 16.83 -5.52
N GLU A 62 32.79 16.49 -5.90
CA GLU A 62 33.00 15.50 -6.95
C GLU A 62 32.44 14.14 -6.57
N MET A 63 32.50 13.78 -5.29
CA MET A 63 31.92 12.52 -4.84
C MET A 63 30.39 12.59 -4.85
N ALA A 64 29.83 13.72 -4.40
CA ALA A 64 28.39 13.90 -4.48
C ALA A 64 27.89 13.86 -5.92
N LYS A 65 28.74 14.28 -6.87
CA LYS A 65 28.40 14.14 -8.28
C LYS A 65 28.38 12.67 -8.69
N GLU A 66 29.32 11.87 -8.17
CA GLU A 66 29.32 10.44 -8.42
C GLU A 66 28.07 9.78 -7.85
N ILE A 67 27.66 10.21 -6.65
CA ILE A 67 26.56 9.54 -5.96
C ILE A 67 25.21 9.93 -6.57
N MET A 68 24.98 11.23 -6.73
CA MET A 68 23.64 11.71 -7.08
C MET A 68 23.37 11.70 -8.59
N LEU A 69 24.37 11.96 -9.44
CA LEU A 69 24.15 12.09 -10.87
C LEU A 69 24.71 10.91 -11.66
N LYS A 70 26.01 10.67 -11.62
CA LYS A 70 26.61 9.64 -12.46
C LYS A 70 26.02 8.26 -12.15
N TYR A 71 26.15 7.82 -10.91
CA TYR A 71 25.54 6.58 -10.44
C TYR A 71 24.21 6.82 -9.74
N GLY A 72 23.51 7.90 -10.10
CA GLY A 72 22.40 8.36 -9.29
C GLY A 72 21.20 7.42 -9.31
N THR A 73 20.88 6.86 -10.47
CA THR A 73 19.78 5.91 -10.55
C THR A 73 20.03 4.67 -9.70
N VAL A 74 21.29 4.38 -9.38
CA VAL A 74 21.60 3.31 -8.44
C VAL A 74 21.35 3.77 -7.00
N PHE A 75 21.97 4.88 -6.62
CA PHE A 75 21.80 5.43 -5.27
C PHE A 75 20.53 6.28 -5.18
N SER A 76 19.42 5.78 -5.71
CA SER A 76 18.18 6.52 -5.77
C SER A 76 17.14 6.03 -4.77
N GLY A 77 17.54 5.15 -3.85
CA GLY A 77 16.65 4.67 -2.81
C GLY A 77 16.65 5.60 -1.60
N ARG A 78 16.05 5.12 -0.53
CA ARG A 78 15.96 5.91 0.70
C ARG A 78 16.00 4.97 1.90
N THR A 79 16.84 5.29 2.87
CA THR A 79 16.81 4.59 4.15
C THR A 79 15.57 5.02 4.92
N VAL A 80 14.77 4.05 5.33
CA VAL A 80 13.47 4.31 5.93
C VAL A 80 13.58 4.15 7.45
N ALA A 81 13.07 5.14 8.18
CA ALA A 81 13.11 5.09 9.64
C ALA A 81 11.92 4.30 10.17
N GLN A 82 11.97 3.97 11.46
CA GLN A 82 10.90 3.18 12.06
C GLN A 82 9.65 4.01 12.26
N ALA A 83 9.80 5.29 12.61
CA ALA A 83 8.64 6.16 12.74
C ALA A 83 7.92 6.35 11.41
N VAL A 84 8.60 6.11 10.30
CA VAL A 84 7.97 6.25 8.99
C VAL A 84 7.03 5.08 8.69
N HIS A 85 7.25 3.91 9.29
CA HIS A 85 6.31 2.81 9.10
C HIS A 85 4.94 3.10 9.72
N ALA A 86 4.83 4.15 10.52
CA ALA A 86 3.55 4.49 11.14
C ALA A 86 2.50 4.80 10.08
N CYS A 87 1.33 4.19 10.23
CA CYS A 87 0.22 4.33 9.29
C CYS A 87 0.60 3.90 7.87
N ASP A 88 1.62 3.04 7.75
CA ASP A 88 2.10 2.54 6.45
C ASP A 88 2.56 3.69 5.55
N HIS A 89 3.18 4.69 6.16
CA HIS A 89 3.70 5.84 5.40
C HIS A 89 4.88 5.43 4.52
N ASP A 90 5.72 4.50 5.00
CA ASP A 90 6.90 4.08 4.26
C ASP A 90 6.57 3.36 2.96
N LYS A 91 5.29 3.11 2.68
CA LYS A 91 4.88 2.40 1.49
C LYS A 91 3.92 3.24 0.64
N ILE A 92 3.67 4.49 1.02
CA ILE A 92 2.72 5.34 0.33
C ILE A 92 3.39 6.67 -0.03
N SER A 93 4.34 7.09 0.81
CA SER A 93 4.96 8.40 0.66
C SER A 93 5.86 8.45 -0.57
N MET A 94 5.89 9.62 -1.23
CA MET A 94 6.85 9.84 -2.30
C MET A 94 8.27 9.94 -1.76
N GLY A 95 8.41 10.38 -0.50
CA GLY A 95 9.73 10.52 0.07
C GLY A 95 10.47 9.21 0.23
N PHE A 96 9.78 8.19 0.75
CA PHE A 96 10.43 6.94 1.15
C PHE A 96 9.94 5.75 0.35
N LEU A 97 9.63 5.97 -0.92
CA LEU A 97 9.32 4.83 -1.79
C LEU A 97 10.45 4.65 -2.79
N PRO A 98 10.79 3.42 -3.16
CA PRO A 98 11.73 3.23 -4.26
C PRO A 98 11.19 3.88 -5.52
N ILE A 99 12.11 4.32 -6.37
CA ILE A 99 11.72 4.96 -7.63
C ILE A 99 10.95 3.93 -8.46
N GLY A 100 9.65 4.18 -8.63
CA GLY A 100 8.78 3.24 -9.31
C GLY A 100 7.63 3.90 -10.04
N ALA A 101 6.56 3.16 -10.28
CA ALA A 101 5.44 3.71 -11.04
C ALA A 101 4.67 4.75 -10.24
N GLU A 102 4.38 4.46 -8.97
CA GLU A 102 3.64 5.41 -8.14
C GLU A 102 4.48 6.62 -7.74
N TRP A 103 5.81 6.50 -7.79
CA TRP A 103 6.67 7.63 -7.45
C TRP A 103 6.84 8.57 -8.63
N ARG A 104 7.05 8.02 -9.84
CA ARG A 104 7.17 8.85 -11.02
C ARG A 104 5.93 9.72 -11.22
N ASP A 105 4.75 9.18 -10.93
CA ASP A 105 3.53 9.97 -11.03
C ASP A 105 3.54 11.12 -10.01
N MET A 106 3.94 10.83 -8.78
CA MET A 106 3.94 11.85 -7.73
C MET A 106 5.01 12.91 -7.97
N ARG A 107 6.03 12.60 -8.78
CA ARG A 107 6.99 13.62 -9.19
C ARG A 107 6.46 14.48 -10.33
N LYS A 108 6.01 13.83 -11.41
CA LYS A 108 5.44 14.57 -12.53
C LYS A 108 4.24 15.40 -12.08
N ILE A 109 3.51 14.94 -11.08
CA ILE A 109 2.43 15.75 -10.52
C ILE A 109 3.01 16.91 -9.73
N CYS A 110 4.06 16.65 -8.94
CA CYS A 110 4.66 17.70 -8.12
C CYS A 110 5.31 18.78 -8.97
N LYS A 111 6.31 18.38 -9.77
CA LYS A 111 7.12 19.35 -10.49
C LYS A 111 6.33 20.08 -11.57
N GLU A 112 5.51 19.34 -12.32
CA GLU A 112 4.90 19.90 -13.52
C GLU A 112 3.64 20.71 -13.22
N GLN A 113 2.88 20.34 -12.20
CA GLN A 113 1.60 20.97 -11.93
C GLN A 113 1.59 21.77 -10.64
N MET A 114 1.93 21.15 -9.50
CA MET A 114 1.76 21.86 -8.24
C MET A 114 2.92 22.80 -7.93
N PHE A 115 4.13 22.50 -8.41
CA PHE A 115 5.29 23.32 -8.07
C PHE A 115 5.91 24.01 -9.27
N SER A 116 5.26 23.95 -10.43
CA SER A 116 5.70 24.77 -11.55
C SER A 116 5.33 26.23 -11.29
N HIS A 117 5.89 27.12 -12.12
CA HIS A 117 5.63 28.54 -11.95
C HIS A 117 4.15 28.87 -12.16
N GLN A 118 3.48 28.14 -13.04
CA GLN A 118 2.07 28.42 -13.33
C GLN A 118 1.22 28.34 -12.07
N SER A 119 1.53 27.41 -11.18
CA SER A 119 0.82 27.27 -9.91
C SER A 119 1.42 28.13 -8.80
N MET A 120 2.70 28.47 -8.89
CA MET A 120 3.31 29.33 -7.87
C MET A 120 2.79 30.76 -7.99
N GLU A 121 2.61 31.25 -9.22
CA GLU A 121 2.10 32.61 -9.41
C GLU A 121 0.62 32.69 -9.07
N ASP A 122 -0.12 31.59 -9.22
CA ASP A 122 -1.53 31.60 -8.86
C ASP A 122 -1.72 31.54 -7.35
N SER A 123 -0.81 30.86 -6.64
CA SER A 123 -0.85 30.81 -5.18
C SER A 123 -0.18 32.03 -4.56
N GLN A 124 0.18 33.02 -5.38
CA GLN A 124 0.82 34.23 -4.85
C GLN A 124 -0.12 35.01 -3.95
N GLY A 125 -1.39 35.12 -4.34
CA GLY A 125 -2.35 35.89 -3.57
C GLY A 125 -2.85 35.20 -2.33
N LEU A 126 -2.77 33.87 -2.27
CA LEU A 126 -3.21 33.14 -1.09
C LEU A 126 -2.23 33.25 0.07
N ARG A 127 -0.98 33.64 -0.19
CA ARG A 127 0.05 33.69 0.82
C ARG A 127 0.37 35.09 1.32
N LYS A 128 0.11 36.12 0.51
CA LYS A 128 0.35 37.48 0.96
C LYS A 128 -0.52 37.80 2.17
N GLN A 129 -1.78 37.37 2.16
CA GLN A 129 -2.65 37.55 3.33
C GLN A 129 -2.02 36.93 4.57
N LYS A 130 -1.32 35.81 4.40
CA LYS A 130 -0.70 35.14 5.55
C LYS A 130 0.56 35.84 6.03
N LEU A 131 1.21 36.64 5.18
CA LEU A 131 2.31 37.48 5.65
C LEU A 131 1.80 38.71 6.37
N GLN A 132 0.68 39.27 5.89
CA GLN A 132 0.09 40.44 6.54
C GLN A 132 -0.34 40.10 7.97
N GLN A 133 -0.91 38.91 8.17
CA GLN A 133 -1.28 38.49 9.52
C GLN A 133 -0.07 38.50 10.44
N LEU A 134 1.09 38.08 9.94
CA LEU A 134 2.31 38.13 10.75
C LEU A 134 2.80 39.55 10.93
N LEU A 135 2.82 40.33 9.84
CA LEU A 135 3.29 41.71 9.92
C LEU A 135 2.42 42.53 10.86
N ASP A 136 1.11 42.31 10.85
CA ASP A 136 0.25 42.97 11.82
C ASP A 136 0.51 42.45 13.23
N HIS A 137 0.78 41.15 13.38
CA HIS A 137 1.14 40.61 14.68
C HIS A 137 2.53 41.06 15.10
N ALA A 138 3.45 41.23 14.15
CA ALA A 138 4.77 41.77 14.47
C ALA A 138 4.65 43.18 15.02
N HIS A 139 3.75 43.98 14.45
CA HIS A 139 3.52 45.33 14.97
C HIS A 139 2.87 45.29 16.35
N ARG A 140 2.10 44.23 16.63
CA ARG A 140 1.51 44.08 17.96
C ARG A 140 2.58 43.99 19.04
N CYS A 141 3.63 43.21 18.81
CA CYS A 141 4.68 43.04 19.79
C CYS A 141 5.62 44.24 19.88
N SER A 142 5.57 45.16 18.91
CA SER A 142 6.44 46.33 18.95
C SER A 142 5.83 47.49 19.71
N GLU A 143 4.50 47.63 19.70
CA GLU A 143 3.86 48.72 20.44
C GLU A 143 4.08 48.56 21.94
N GLN A 144 3.64 47.43 22.51
CA GLN A 144 3.96 47.13 23.90
C GLN A 144 5.42 46.79 24.11
N GLY A 145 6.19 46.64 23.04
CA GLY A 145 7.61 46.38 23.16
C GLY A 145 7.96 44.99 23.64
N ARG A 146 7.15 43.99 23.31
CA ARG A 146 7.50 42.62 23.66
C ARG A 146 8.46 42.04 22.62
N ALA A 147 9.02 40.88 22.96
CA ALA A 147 9.95 40.18 22.09
C ALA A 147 9.24 39.12 21.30
N ILE A 148 9.70 38.90 20.06
CA ILE A 148 9.11 37.91 19.17
C ILE A 148 10.03 36.70 19.10
N ASP A 149 9.47 35.52 19.36
CA ASP A 149 10.20 34.26 19.22
C ASP A 149 10.20 33.92 17.74
N ILE A 150 11.35 34.10 17.08
CA ILE A 150 11.42 33.94 15.63
C ILE A 150 10.99 32.53 15.22
N ARG A 151 11.43 31.52 15.97
CA ARG A 151 11.05 30.15 15.64
C ARG A 151 9.54 29.97 15.73
N GLU A 152 8.96 30.36 16.87
CA GLU A 152 7.50 30.30 17.02
C GLU A 152 6.81 31.11 15.91
N ALA A 153 7.28 32.33 15.67
CA ALA A 153 6.65 33.17 14.66
C ALA A 153 6.84 32.59 13.26
N ALA A 154 8.02 32.04 12.96
CA ALA A 154 8.27 31.47 11.65
C ALA A 154 7.58 30.12 11.46
N PHE A 155 7.26 29.42 12.55
CA PHE A 155 6.55 28.15 12.43
C PHE A 155 5.07 28.38 12.13
N ILE A 156 4.41 29.19 12.94
CA ILE A 156 2.99 29.47 12.73
C ILE A 156 2.77 30.13 11.38
N THR A 157 3.67 31.05 11.00
CA THR A 157 3.58 31.64 9.66
C THR A 157 3.79 30.58 8.59
N THR A 158 4.69 29.64 8.84
CA THR A 158 4.93 28.58 7.86
C THR A 158 3.71 27.70 7.68
N LEU A 159 3.06 27.31 8.78
CA LEU A 159 1.85 26.50 8.68
C LEU A 159 0.75 27.29 7.97
N ASN A 160 0.55 28.54 8.37
CA ASN A 160 -0.41 29.40 7.68
C ASN A 160 -0.04 29.57 6.21
N LEU A 161 1.25 29.53 5.88
CA LEU A 161 1.67 29.64 4.49
C LEU A 161 1.41 28.34 3.73
N MET A 162 1.71 27.20 4.35
CA MET A 162 1.47 25.91 3.69
C MET A 162 -0.01 25.58 3.63
N SER A 163 -0.78 25.97 4.66
CA SER A 163 -2.20 25.69 4.66
C SER A 163 -2.93 26.51 3.61
N ALA A 164 -2.48 27.74 3.38
CA ALA A 164 -3.07 28.55 2.32
C ALA A 164 -2.71 28.01 0.94
N THR A 165 -1.47 27.54 0.79
CA THR A 165 -1.05 27.00 -0.51
C THR A 165 -1.73 25.67 -0.80
N LEU A 166 -2.06 24.90 0.24
CA LEU A 166 -2.66 23.59 0.07
C LEU A 166 -4.17 23.61 0.18
N PHE A 167 -4.72 24.27 1.20
CA PHE A 167 -6.13 24.18 1.51
C PHE A 167 -6.92 25.46 1.27
N SER A 168 -6.25 26.59 1.15
CA SER A 168 -6.89 27.90 1.06
C SER A 168 -7.77 28.16 2.29
N MET A 169 -7.15 28.07 3.47
CA MET A 169 -7.82 28.43 4.70
C MET A 169 -7.88 29.95 4.81
N GLN A 170 -9.05 30.47 5.15
CA GLN A 170 -9.23 31.91 5.17
C GLN A 170 -9.50 32.40 6.58
N ALA A 171 -8.63 32.04 7.52
CA ALA A 171 -8.78 32.50 8.89
C ALA A 171 -8.33 33.96 9.00
N THR A 172 -8.79 34.62 10.06
CA THR A 172 -8.46 36.01 10.31
C THR A 172 -7.46 36.17 11.44
N GLU A 173 -7.05 35.09 12.10
CA GLU A 173 -6.14 35.15 13.22
C GLU A 173 -4.80 34.52 12.83
N PHE A 174 -3.72 35.11 13.32
CA PHE A 174 -2.40 34.51 13.13
C PHE A 174 -2.34 33.13 13.76
N ASP A 175 -2.62 33.06 15.06
CA ASP A 175 -2.70 31.78 15.77
C ASP A 175 -4.13 31.22 15.70
N SER A 176 -4.56 30.94 14.46
CA SER A 176 -5.90 30.45 14.23
C SER A 176 -6.07 29.05 14.82
N LYS A 177 -7.34 28.69 15.07
CA LYS A 177 -7.64 27.37 15.62
C LYS A 177 -7.12 26.26 14.72
N VAL A 178 -7.30 26.40 13.40
CA VAL A 178 -6.84 25.37 12.48
C VAL A 178 -5.32 25.25 12.52
N THR A 179 -4.62 26.38 12.56
CA THR A 179 -3.16 26.34 12.45
C THR A 179 -2.53 25.69 13.68
N MET A 180 -3.10 25.89 14.87
CA MET A 180 -2.50 25.36 16.08
C MET A 180 -2.79 23.88 16.29
N GLU A 181 -3.83 23.34 15.65
CA GLU A 181 -3.96 21.88 15.62
C GLU A 181 -2.83 21.26 14.82
N PHE A 182 -2.43 21.92 13.72
CA PHE A 182 -1.33 21.44 12.90
C PHE A 182 0.01 21.63 13.59
N LYS A 183 0.14 22.69 14.41
CA LYS A 183 1.43 22.99 15.01
C LYS A 183 1.84 21.94 16.04
N GLU A 184 0.88 21.43 16.82
CA GLU A 184 1.22 20.42 17.82
C GLU A 184 1.66 19.12 17.17
N ILE A 185 0.94 18.67 16.14
CA ILE A 185 1.20 17.36 15.55
C ILE A 185 2.58 17.32 14.90
N ILE A 186 2.96 18.39 14.19
CA ILE A 186 4.30 18.46 13.61
C ILE A 186 5.35 18.40 14.72
N GLU A 187 5.19 19.25 15.74
CA GLU A 187 6.13 19.26 16.86
C GLU A 187 6.15 17.92 17.58
N GLY A 188 5.01 17.23 17.63
CA GLY A 188 4.99 15.90 18.20
C GLY A 188 5.71 14.89 17.33
N VAL A 189 5.53 14.98 16.00
CA VAL A 189 6.23 14.10 15.08
C VAL A 189 7.73 14.36 15.14
N ALA A 190 8.12 15.64 15.12
CA ALA A 190 9.54 15.99 15.17
C ALA A 190 10.19 15.51 16.46
N SER A 191 9.45 15.56 17.57
CA SER A 191 9.99 15.05 18.82
C SER A 191 10.16 13.54 18.80
N ILE A 192 9.51 12.85 17.87
CA ILE A 192 9.62 11.41 17.75
C ILE A 192 10.78 11.06 16.83
N VAL A 193 10.74 11.55 15.59
CA VAL A 193 11.79 11.23 14.62
C VAL A 193 13.11 11.89 15.02
N GLY A 194 13.06 13.08 15.63
CA GLY A 194 14.24 13.86 15.96
C GLY A 194 15.15 13.26 17.02
N VAL A 195 14.79 12.13 17.61
CA VAL A 195 15.62 11.49 18.62
C VAL A 195 15.96 10.07 18.14
N PRO A 196 17.13 9.53 18.49
CA PRO A 196 17.52 8.23 17.95
C PRO A 196 16.60 7.11 18.42
N ASN A 197 16.23 6.24 17.47
CA ASN A 197 15.48 5.02 17.75
C ASN A 197 16.38 3.84 17.41
N PHE A 198 16.87 3.15 18.44
CA PHE A 198 17.83 2.06 18.24
C PHE A 198 17.27 0.91 17.43
N ALA A 199 15.96 0.88 17.20
CA ALA A 199 15.41 -0.11 16.26
C ALA A 199 15.98 0.10 14.86
N ASP A 200 16.29 1.33 14.49
CA ASP A 200 16.85 1.59 13.16
C ASP A 200 18.25 1.02 13.01
N TYR A 201 19.04 1.04 14.07
CA TYR A 201 20.42 0.57 14.02
C TYR A 201 20.59 -0.87 14.48
N PHE A 202 19.69 -1.38 15.34
CA PHE A 202 19.82 -2.71 15.93
C PHE A 202 18.56 -3.50 15.59
N PRO A 203 18.57 -4.24 14.48
CA PRO A 203 17.33 -4.81 13.94
C PRO A 203 16.59 -5.78 14.86
N ILE A 204 17.30 -6.48 15.75
CA ILE A 204 16.59 -7.44 16.61
C ILE A 204 15.58 -6.73 17.50
N LEU A 205 15.79 -5.44 17.76
CA LEU A 205 14.86 -4.64 18.54
C LEU A 205 13.68 -4.13 17.72
N ARG A 206 13.67 -4.38 16.41
CA ARG A 206 12.63 -3.81 15.56
C ARG A 206 11.24 -4.35 15.89
N PRO A 207 11.03 -5.67 16.04
CA PRO A 207 9.69 -6.15 16.43
C PRO A 207 9.15 -5.52 17.70
N PHE A 208 9.99 -5.39 18.72
CA PHE A 208 9.51 -4.93 20.02
C PHE A 208 9.16 -3.45 20.00
N ASP A 209 9.95 -2.63 19.28
CA ASP A 209 9.84 -1.17 19.32
C ASP A 209 10.05 -0.73 20.76
N PRO A 210 11.29 -0.81 21.27
CA PRO A 210 11.49 -0.64 22.72
C PRO A 210 11.17 0.76 23.22
N GLN A 211 11.61 1.80 22.52
CA GLN A 211 11.30 3.16 22.92
C GLN A 211 9.89 3.58 22.53
N GLY A 212 9.08 2.67 21.99
CA GLY A 212 7.72 2.98 21.57
C GLY A 212 7.64 4.14 20.60
N VAL A 213 8.41 4.07 19.52
CA VAL A 213 8.46 5.15 18.55
C VAL A 213 7.45 4.94 17.43
N LYS A 214 7.38 3.73 16.88
CA LYS A 214 6.43 3.45 15.81
C LYS A 214 4.99 3.71 16.26
N ARG A 215 4.67 3.34 17.51
CA ARG A 215 3.32 3.56 18.02
C ARG A 215 3.01 5.05 18.14
N ARG A 216 3.84 5.78 18.88
CA ARG A 216 3.59 7.19 19.12
C ARG A 216 3.58 7.98 17.82
N ALA A 217 4.26 7.49 16.78
CA ALA A 217 4.17 8.13 15.48
C ALA A 217 2.83 7.85 14.82
N ASP A 218 2.31 6.63 14.96
CA ASP A 218 1.01 6.31 14.39
C ASP A 218 -0.10 7.18 14.97
N VAL A 219 0.04 7.60 16.23
CA VAL A 219 -0.97 8.43 16.85
C VAL A 219 -1.05 9.79 16.17
N TYR A 220 0.10 10.47 16.07
CA TYR A 220 0.13 11.78 15.43
C TYR A 220 -0.07 11.69 13.92
N PHE A 221 0.43 10.63 13.29
CA PHE A 221 0.18 10.43 11.86
C PHE A 221 -1.30 10.22 11.59
N GLY A 222 -1.98 9.45 12.45
CA GLY A 222 -3.41 9.29 12.32
C GLY A 222 -4.18 10.59 12.48
N ARG A 223 -3.65 11.50 13.30
CA ARG A 223 -4.30 12.80 13.49
C ARG A 223 -4.05 13.71 12.27
N LEU A 224 -2.79 13.84 11.87
CA LEU A 224 -2.47 14.71 10.73
C LEU A 224 -3.15 14.23 9.46
N LEU A 225 -3.40 12.93 9.34
CA LEU A 225 -4.12 12.40 8.18
C LEU A 225 -5.63 12.49 8.35
N ALA A 226 -6.13 12.52 9.59
CA ALA A 226 -7.56 12.75 9.79
C ALA A 226 -7.95 14.17 9.40
N LEU A 227 -7.12 15.15 9.75
CA LEU A 227 -7.41 16.53 9.40
C LEU A 227 -7.27 16.77 7.90
N ILE A 228 -6.37 16.04 7.24
CA ILE A 228 -6.24 16.15 5.79
C ILE A 228 -7.44 15.50 5.10
N GLU A 229 -7.92 14.38 5.63
CA GLU A 229 -9.12 13.74 5.09
C GLU A 229 -10.31 14.68 5.12
N GLY A 230 -10.54 15.36 6.25
CA GLY A 230 -11.67 16.26 6.35
C GLY A 230 -11.63 17.36 5.30
N TYR A 231 -10.44 17.78 4.90
CA TYR A 231 -10.30 18.80 3.86
C TYR A 231 -10.49 18.23 2.47
N LEU A 232 -10.44 16.92 2.30
CA LEU A 232 -10.68 16.29 1.01
C LEU A 232 -12.17 16.02 0.79
N ASN A 233 -12.79 15.29 1.71
CA ASN A 233 -14.20 14.94 1.57
C ASN A 233 -15.09 16.18 1.58
N ASP A 234 -14.70 17.23 2.30
CA ASP A 234 -15.50 18.46 2.29
C ASP A 234 -15.38 19.19 0.96
N ARG A 235 -14.24 19.07 0.28
CA ARG A 235 -14.09 19.69 -1.04
C ARG A 235 -14.82 18.91 -2.12
N ILE A 236 -14.89 17.58 -2.01
CA ILE A 236 -15.62 16.79 -2.99
C ILE A 236 -17.09 17.20 -3.02
N GLN A 237 -17.69 17.46 -1.86
CA GLN A 237 -19.08 17.89 -1.83
C GLN A 237 -19.22 19.30 -2.39
N SER A 238 -18.25 20.17 -2.12
CA SER A 238 -18.23 21.48 -2.76
C SER A 238 -18.00 21.35 -4.27
N ARG A 239 -17.25 20.33 -4.68
CA ARG A 239 -17.06 20.05 -6.11
C ARG A 239 -18.32 19.48 -6.74
N LYS A 240 -19.18 18.82 -5.95
CA LYS A 240 -20.43 18.29 -6.46
C LYS A 240 -21.51 19.37 -6.53
N ALA A 241 -21.59 20.20 -5.50
CA ALA A 241 -22.64 21.22 -5.45
C ALA A 241 -22.48 22.22 -6.59
N ASN A 242 -21.25 22.70 -6.80
CA ASN A 242 -20.95 23.63 -7.89
C ASN A 242 -20.21 22.85 -8.98
N PRO A 243 -20.86 22.49 -10.08
CA PRO A 243 -20.12 21.75 -11.12
C PRO A 243 -19.13 22.63 -11.87
N ASP A 244 -19.46 23.90 -12.10
CA ASP A 244 -18.49 24.86 -12.62
C ASP A 244 -17.82 25.63 -11.48
N ALA A 245 -17.35 24.90 -10.48
CA ALA A 245 -16.70 25.52 -9.33
C ALA A 245 -15.45 26.26 -9.82
N PRO A 246 -15.27 27.53 -9.44
CA PRO A 246 -14.04 28.23 -9.86
C PRO A 246 -12.82 27.53 -9.31
N LYS A 247 -11.86 27.28 -10.19
CA LYS A 247 -10.64 26.55 -9.82
C LYS A 247 -9.90 27.27 -8.71
N LYS A 248 -9.89 26.67 -7.52
CA LYS A 248 -9.12 27.22 -6.41
C LYS A 248 -7.64 27.19 -6.76
N ASP A 249 -6.94 28.29 -6.49
CA ASP A 249 -5.53 28.40 -6.86
C ASP A 249 -4.63 27.80 -5.78
N ASP A 250 -4.98 26.61 -5.31
CA ASP A 250 -4.20 25.89 -4.31
C ASP A 250 -3.84 24.51 -4.83
N PHE A 251 -3.20 23.72 -3.95
CA PHE A 251 -2.73 22.38 -4.32
C PHE A 251 -3.83 21.33 -4.21
N LEU A 252 -4.75 21.49 -3.26
CA LEU A 252 -5.80 20.49 -3.06
C LEU A 252 -6.72 20.42 -4.27
N GLU A 253 -7.07 21.58 -4.84
CA GLU A 253 -7.95 21.60 -6.01
C GLU A 253 -7.32 20.84 -7.17
N THR A 254 -6.01 21.02 -7.38
CA THR A 254 -5.30 20.24 -8.38
C THR A 254 -5.42 18.74 -8.10
N LEU A 255 -5.23 18.35 -6.84
CA LEU A 255 -5.26 16.92 -6.48
C LEU A 255 -6.64 16.32 -6.71
N VAL A 256 -7.70 17.07 -6.41
CA VAL A 256 -9.05 16.59 -6.69
C VAL A 256 -9.25 16.41 -8.19
N ASP A 257 -8.64 17.29 -8.99
CA ASP A 257 -8.77 17.22 -10.45
C ASP A 257 -7.92 16.12 -11.08
N ILE A 258 -7.19 15.34 -10.28
CA ILE A 258 -6.37 14.24 -10.79
C ILE A 258 -7.11 12.91 -10.70
N LEU A 259 -7.73 12.62 -9.55
CA LEU A 259 -8.48 11.39 -9.40
C LEU A 259 -9.87 11.45 -10.03
N ASN A 260 -10.33 12.63 -10.45
CA ASN A 260 -11.57 12.72 -11.20
C ASN A 260 -11.36 12.46 -12.68
N SER A 261 -10.17 12.78 -13.20
CA SER A 261 -9.79 12.43 -14.57
C SER A 261 -9.21 11.03 -14.67
N ASN A 262 -8.53 10.57 -13.61
CA ASN A 262 -8.08 9.18 -13.50
C ASN A 262 -7.06 8.83 -14.59
N ASP A 263 -6.20 9.79 -14.93
CA ASP A 263 -5.17 9.53 -15.92
C ASP A 263 -3.99 8.77 -15.31
N ASN A 264 -3.42 9.31 -14.23
CA ASN A 264 -2.30 8.69 -13.57
C ASN A 264 -2.75 7.48 -12.76
N LYS A 265 -1.79 6.77 -12.16
CA LYS A 265 -2.04 5.53 -11.46
C LYS A 265 -1.79 5.73 -9.97
N LEU A 266 -2.65 6.51 -9.33
CA LEU A 266 -2.55 6.80 -7.91
C LEU A 266 -3.90 6.57 -7.24
N LYS A 267 -3.83 6.26 -5.94
CA LYS A 267 -5.02 6.03 -5.13
C LYS A 267 -5.41 7.33 -4.41
N THR A 268 -6.28 7.21 -3.41
CA THR A 268 -6.65 8.32 -2.55
C THR A 268 -5.67 8.46 -1.40
N ASP A 269 -5.34 7.35 -0.73
CA ASP A 269 -4.32 7.37 0.31
C ASP A 269 -2.97 7.87 -0.21
N HIS A 270 -2.71 7.69 -1.51
CA HIS A 270 -1.48 8.22 -2.09
C HIS A 270 -1.43 9.75 -1.98
N LEU A 271 -2.59 10.40 -2.14
CA LEU A 271 -2.63 11.86 -2.10
C LEU A 271 -2.58 12.39 -0.67
N LEU A 272 -3.35 11.77 0.23
CA LEU A 272 -3.33 12.15 1.65
C LEU A 272 -1.91 12.18 2.19
N HIS A 273 -1.18 11.08 2.01
CA HIS A 273 0.19 10.99 2.51
C HIS A 273 1.13 11.92 1.74
N LEU A 274 0.78 12.27 0.51
CA LEU A 274 1.54 13.26 -0.23
C LEU A 274 1.41 14.64 0.41
N MET A 275 0.18 15.04 0.76
CA MET A 275 -0.02 16.32 1.41
C MET A 275 0.64 16.35 2.78
N LEU A 276 0.70 15.21 3.46
CA LEU A 276 1.44 15.14 4.72
C LEU A 276 2.90 15.51 4.50
N ASP A 277 3.58 14.78 3.61
CA ASP A 277 4.98 15.07 3.31
C ASP A 277 5.17 16.51 2.85
N LEU A 278 4.25 17.02 2.03
CA LEU A 278 4.30 18.42 1.64
C LEU A 278 4.16 19.33 2.85
N PHE A 279 3.23 19.00 3.75
CA PHE A 279 2.99 19.83 4.92
C PHE A 279 4.16 19.76 5.90
N VAL A 280 4.53 18.55 6.30
CA VAL A 280 5.61 18.37 7.27
C VAL A 280 6.96 18.78 6.67
N GLY A 281 7.17 18.47 5.39
CA GLY A 281 8.46 18.72 4.78
C GLY A 281 8.79 20.19 4.61
N GLY A 282 7.77 21.05 4.60
CA GLY A 282 8.00 22.47 4.35
C GLY A 282 7.84 23.32 5.59
N SER A 283 7.48 22.70 6.72
CA SER A 283 7.24 23.44 7.96
C SER A 283 8.52 23.54 8.79
N GLU A 284 8.97 22.41 9.36
CA GLU A 284 10.14 22.45 10.22
C GLU A 284 11.42 22.79 9.47
N THR A 285 11.44 22.62 8.14
CA THR A 285 12.59 23.06 7.37
C THR A 285 12.63 24.58 7.27
N SER A 286 11.52 25.19 6.85
CA SER A 286 11.46 26.65 6.79
C SER A 286 11.59 27.25 8.19
N THR A 287 10.98 26.63 9.19
CA THR A 287 11.03 27.15 10.55
C THR A 287 12.47 27.31 11.04
N THR A 288 13.30 26.29 10.80
CA THR A 288 14.70 26.37 11.21
C THR A 288 15.51 27.27 10.28
N GLU A 289 15.32 27.14 8.97
CA GLU A 289 16.08 27.90 8.00
C GLU A 289 15.59 29.34 7.83
N ILE A 290 14.64 29.80 8.62
CA ILE A 290 14.37 31.23 8.73
C ILE A 290 14.87 31.78 10.05
N GLU A 291 15.03 30.93 11.07
CA GLU A 291 15.66 31.35 12.31
C GLU A 291 17.13 31.72 12.10
N TRP A 292 17.77 31.13 11.10
CA TRP A 292 19.20 31.37 10.91
C TRP A 292 19.47 32.74 10.31
N ILE A 293 18.85 33.08 9.18
CA ILE A 293 19.07 34.39 8.57
C ILE A 293 18.67 35.50 9.53
N MET A 294 17.51 35.37 10.17
CA MET A 294 17.12 36.39 11.12
C MET A 294 17.99 36.39 12.37
N GLU A 295 18.95 35.47 12.47
CA GLU A 295 20.03 35.55 13.44
C GLU A 295 21.33 36.04 12.80
N GLU A 296 21.65 35.54 11.60
CA GLU A 296 22.87 35.97 10.93
C GLU A 296 22.84 37.47 10.64
N LEU A 297 21.72 37.97 10.15
CA LEU A 297 21.63 39.41 9.87
C LEU A 297 21.67 40.23 11.15
N VAL A 298 21.06 39.72 12.23
CA VAL A 298 21.08 40.44 13.49
C VAL A 298 22.47 40.37 14.13
N ALA A 299 23.17 39.24 13.96
CA ALA A 299 24.51 39.10 14.53
C ALA A 299 25.57 39.80 13.72
N HIS A 300 25.34 40.03 12.42
CA HIS A 300 26.24 40.77 11.54
C HIS A 300 25.47 41.95 10.95
N PRO A 301 25.39 43.07 11.68
CA PRO A 301 24.56 44.20 11.21
C PRO A 301 25.07 44.83 9.94
N ASP A 302 26.33 44.64 9.57
CA ASP A 302 26.83 45.17 8.31
C ASP A 302 26.05 44.62 7.13
N LYS A 303 25.53 43.40 7.25
CA LYS A 303 24.89 42.71 6.15
C LYS A 303 23.39 42.96 6.10
N MET A 304 22.74 43.09 7.26
CA MET A 304 21.35 43.52 7.28
C MET A 304 21.20 44.91 6.68
N ALA A 305 22.18 45.79 6.90
CA ALA A 305 22.12 47.13 6.34
C ALA A 305 22.08 47.09 4.82
N LYS A 306 22.86 46.20 4.22
CA LYS A 306 22.83 46.07 2.76
C LYS A 306 21.53 45.46 2.27
N VAL A 307 20.88 44.64 3.11
CA VAL A 307 19.59 44.07 2.73
C VAL A 307 18.48 45.11 2.82
N LYS A 308 18.45 45.85 3.92
CA LYS A 308 17.42 46.88 4.10
C LYS A 308 17.51 47.96 3.03
N ALA A 309 18.72 48.47 2.79
CA ALA A 309 18.89 49.51 1.79
C ALA A 309 18.52 49.02 0.39
N GLU A 310 18.72 47.74 0.12
CA GLU A 310 18.25 47.15 -1.13
C GLU A 310 16.73 47.07 -1.14
N LEU A 311 16.14 46.59 -0.03
CA LEU A 311 14.70 46.42 0.04
C LEU A 311 13.97 47.76 -0.08
N LYS A 312 14.51 48.80 0.57
CA LYS A 312 13.92 50.12 0.44
C LYS A 312 14.02 50.65 -0.98
N SER A 313 15.01 50.18 -1.75
CA SER A 313 15.18 50.63 -3.12
C SER A 313 14.13 50.06 -4.06
N VAL A 314 13.52 48.93 -3.71
CA VAL A 314 12.58 48.25 -4.57
C VAL A 314 11.16 48.31 -4.03
N MET A 315 11.01 48.18 -2.71
CA MET A 315 9.68 48.18 -2.10
C MET A 315 8.95 49.49 -2.36
N GLY A 316 9.62 50.61 -2.11
CA GLY A 316 8.94 51.90 -2.12
C GLY A 316 8.23 52.11 -0.81
N ASP A 317 6.90 52.18 -0.85
CA ASP A 317 6.11 52.21 0.37
C ASP A 317 5.33 50.93 0.62
N GLU A 318 5.34 49.99 -0.33
CA GLU A 318 4.70 48.69 -0.10
C GLU A 318 5.41 47.95 1.02
N LYS A 319 4.62 47.47 1.99
CA LYS A 319 5.17 46.92 3.23
C LYS A 319 5.14 45.39 3.27
N VAL A 320 4.64 44.73 2.24
CA VAL A 320 4.74 43.28 2.09
C VAL A 320 5.44 42.97 0.78
N VAL A 321 6.28 41.95 0.79
CA VAL A 321 7.13 41.62 -0.35
C VAL A 321 6.40 40.65 -1.25
N ASP A 322 6.04 41.10 -2.46
CA ASP A 322 5.44 40.21 -3.43
C ASP A 322 6.49 39.23 -3.95
N GLU A 323 6.16 37.94 -3.95
CA GLU A 323 7.12 36.93 -4.38
C GLU A 323 7.55 37.09 -5.83
N SER A 324 6.88 37.96 -6.59
CA SER A 324 7.29 38.26 -7.95
C SER A 324 8.37 39.34 -8.02
N LEU A 325 8.75 39.92 -6.89
CA LEU A 325 9.86 40.87 -6.83
C LEU A 325 11.16 40.20 -6.43
N MET A 326 11.25 38.87 -6.59
CA MET A 326 12.50 38.17 -6.33
C MET A 326 13.64 38.63 -7.23
N PRO A 327 13.49 38.71 -8.57
CA PRO A 327 14.64 39.08 -9.40
C PRO A 327 15.20 40.46 -9.09
N ARG A 328 14.43 41.33 -8.45
CA ARG A 328 14.90 42.66 -8.10
C ARG A 328 15.53 42.72 -6.72
N LEU A 329 15.75 41.57 -6.08
CA LEU A 329 16.47 41.47 -4.81
C LEU A 329 17.64 40.49 -4.98
N PRO A 330 18.68 40.88 -5.72
CA PRO A 330 19.80 39.95 -5.94
C PRO A 330 20.68 39.74 -4.72
N TYR A 331 20.50 40.53 -3.66
CA TYR A 331 21.30 40.37 -2.46
C TYR A 331 20.60 39.49 -1.43
N LEU A 332 19.29 39.65 -1.26
CA LEU A 332 18.53 38.72 -0.44
C LEU A 332 18.62 37.30 -0.98
N GLN A 333 18.70 37.15 -2.31
CA GLN A 333 18.92 35.83 -2.89
C GLN A 333 20.22 35.23 -2.40
N ALA A 334 21.27 36.05 -2.27
CA ALA A 334 22.55 35.56 -1.79
C ALA A 334 22.54 35.36 -0.28
N VAL A 335 21.86 36.25 0.45
CA VAL A 335 21.78 36.13 1.90
C VAL A 335 21.19 34.78 2.29
N VAL A 336 20.13 34.35 1.61
CA VAL A 336 19.62 32.99 1.81
C VAL A 336 20.64 31.98 1.33
N LYS A 337 21.25 32.22 0.17
CA LYS A 337 22.26 31.30 -0.36
C LYS A 337 23.38 31.07 0.64
N GLU A 338 23.83 32.13 1.32
CA GLU A 338 24.89 31.97 2.31
C GLU A 338 24.41 31.20 3.52
N SER A 339 23.16 31.43 3.93
CA SER A 339 22.59 30.63 5.02
C SER A 339 22.47 29.16 4.62
N MET A 340 22.18 28.90 3.34
CA MET A 340 22.17 27.52 2.86
C MET A 340 23.51 26.86 3.08
N ARG A 341 24.60 27.58 2.78
CA ARG A 341 25.95 27.03 2.92
C ARG A 341 26.34 26.85 4.38
N LEU A 342 26.26 27.94 5.16
CA LEU A 342 26.70 27.91 6.54
C LEU A 342 25.91 26.92 7.37
N HIS A 343 24.61 27.19 7.55
CA HIS A 343 23.75 26.33 8.35
C HIS A 343 22.73 25.70 7.42
N PRO A 344 23.04 24.57 6.78
CA PRO A 344 22.01 23.85 6.01
C PRO A 344 20.95 23.31 6.95
N PRO A 345 19.68 23.36 6.55
CA PRO A 345 18.61 22.87 7.45
C PRO A 345 18.84 21.42 7.86
N GLY A 346 19.10 20.54 6.91
CA GLY A 346 19.47 19.17 7.18
C GLY A 346 20.96 19.00 7.05
N PRO A 347 21.63 18.70 8.17
CA PRO A 347 23.09 18.58 8.13
C PRO A 347 23.57 17.43 7.26
N LEU A 348 22.85 16.31 7.27
CA LEU A 348 23.17 15.15 6.43
C LEU A 348 22.12 14.95 5.34
N LEU A 349 21.27 15.93 5.10
CA LEU A 349 20.21 15.88 4.09
C LEU A 349 19.28 14.72 4.45
N LEU A 350 18.75 14.03 3.43
CA LEU A 350 17.89 12.88 3.67
C LEU A 350 18.59 11.61 3.22
N PRO A 351 18.58 10.56 4.04
CA PRO A 351 19.37 9.37 3.73
C PRO A 351 19.01 8.74 2.39
N ARG A 352 20.04 8.42 1.63
CA ARG A 352 19.91 7.69 0.38
C ARG A 352 20.32 6.23 0.61
N LYS A 353 19.91 5.36 -0.31
CA LYS A 353 20.21 3.93 -0.21
C LYS A 353 20.70 3.39 -1.54
N ALA A 354 21.78 2.61 -1.49
CA ALA A 354 22.36 1.98 -2.66
C ALA A 354 21.54 0.76 -3.04
N GLU A 355 20.72 0.89 -4.08
CA GLU A 355 19.84 -0.18 -4.51
C GLU A 355 20.55 -1.28 -5.31
N SER A 356 21.89 -1.29 -5.34
CA SER A 356 22.65 -2.29 -6.06
C SER A 356 24.12 -2.15 -5.69
N ASP A 357 24.84 -3.26 -5.70
CA ASP A 357 26.29 -3.24 -5.49
C ASP A 357 26.93 -2.36 -6.55
N GLN A 358 27.52 -1.24 -6.15
CA GLN A 358 28.12 -0.33 -7.08
C GLN A 358 29.46 0.16 -6.54
N VAL A 359 30.44 0.29 -7.43
CA VAL A 359 31.77 0.77 -7.08
C VAL A 359 31.82 2.27 -7.30
N VAL A 360 32.44 2.98 -6.36
CA VAL A 360 32.65 4.42 -6.47
C VAL A 360 34.09 4.70 -6.08
N ASN A 361 34.85 5.30 -7.00
CA ASN A 361 36.24 5.67 -6.77
C ASN A 361 37.09 4.46 -6.37
N GLY A 362 36.75 3.29 -6.90
CA GLY A 362 37.44 2.07 -6.61
C GLY A 362 36.92 1.29 -5.41
N TYR A 363 36.34 1.98 -4.42
CA TYR A 363 35.78 1.28 -3.27
C TYR A 363 34.39 0.74 -3.60
N LEU A 364 34.12 -0.47 -3.12
CA LEU A 364 32.82 -1.09 -3.32
C LEU A 364 31.82 -0.55 -2.30
N ILE A 365 30.67 -0.11 -2.78
CA ILE A 365 29.57 0.31 -1.93
C ILE A 365 28.51 -0.79 -1.98
N PRO A 366 28.33 -1.55 -0.90
CA PRO A 366 27.39 -2.69 -0.95
C PRO A 366 25.95 -2.25 -1.16
N LYS A 367 25.12 -3.22 -1.54
CA LYS A 367 23.69 -2.97 -1.66
C LYS A 367 23.09 -2.64 -0.30
N GLY A 368 22.16 -1.70 -0.28
CA GLY A 368 21.53 -1.28 0.95
C GLY A 368 22.43 -0.48 1.85
N THR A 369 23.34 0.31 1.29
CA THR A 369 24.26 1.13 2.06
C THR A 369 23.68 2.53 2.21
N GLN A 370 23.38 2.91 3.44
CA GLN A 370 22.84 4.23 3.72
C GLN A 370 23.90 5.29 3.45
N VAL A 371 23.73 6.04 2.36
CA VAL A 371 24.70 7.06 1.96
C VAL A 371 24.19 8.40 2.49
N LEU A 372 24.88 8.95 3.49
CA LEU A 372 24.58 10.28 4.00
C LEU A 372 25.50 11.28 3.32
N ILE A 373 24.92 12.32 2.73
CA ILE A 373 25.67 13.37 2.06
C ILE A 373 25.80 14.52 3.06
N ASN A 374 26.97 14.65 3.68
CA ASN A 374 27.19 15.71 4.67
C ASN A 374 27.21 17.06 3.96
N ALA A 375 26.11 17.80 4.07
CA ALA A 375 26.05 19.14 3.52
C ALA A 375 26.57 20.20 4.49
N TRP A 376 26.76 19.85 5.75
CA TRP A 376 27.30 20.78 6.72
C TRP A 376 28.80 20.96 6.50
N ALA A 377 29.52 19.85 6.31
CA ALA A 377 30.96 19.91 6.07
C ALA A 377 31.27 20.72 4.81
N MET A 378 30.62 20.37 3.70
CA MET A 378 30.88 21.07 2.44
C MET A 378 30.48 22.54 2.52
N GLY A 379 29.69 22.93 3.52
CA GLY A 379 29.45 24.34 3.76
C GLY A 379 30.57 25.01 4.52
N ARG A 380 31.28 24.25 5.36
CA ARG A 380 32.41 24.78 6.12
C ARG A 380 33.72 24.11 5.75
N ASP A 381 33.80 23.52 4.55
CA ASP A 381 35.03 22.90 4.11
C ASP A 381 35.98 23.98 3.62
N SER A 382 37.17 24.04 4.22
CA SER A 382 38.13 25.08 3.87
C SER A 382 38.62 24.97 2.43
N THR A 383 38.48 23.79 1.82
CA THR A 383 38.92 23.61 0.44
C THR A 383 37.92 24.19 -0.57
N ILE A 384 36.67 24.40 -0.17
CA ILE A 384 35.66 24.95 -1.07
C ILE A 384 35.59 26.46 -0.87
N TRP A 385 34.88 26.88 0.17
CA TRP A 385 34.76 28.30 0.48
C TRP A 385 35.95 28.76 1.31
N ASN A 386 36.39 29.99 1.06
CA ASN A 386 37.53 30.56 1.74
C ASN A 386 37.03 31.38 2.91
N ASN A 387 37.64 31.20 4.08
CA ASN A 387 37.11 31.69 5.35
C ASN A 387 35.67 31.19 5.52
N PRO A 388 35.46 29.88 5.60
CA PRO A 388 34.08 29.35 5.58
C PRO A 388 33.31 29.69 6.83
N ASP A 389 33.98 29.88 7.97
CA ASP A 389 33.31 30.10 9.24
C ASP A 389 32.81 31.52 9.41
N ALA A 390 32.79 32.32 8.36
CA ALA A 390 32.35 33.70 8.41
C ALA A 390 31.14 33.90 7.50
N PHE A 391 30.12 34.58 8.02
CA PHE A 391 28.93 34.89 7.24
C PHE A 391 29.25 36.04 6.29
N GLN A 392 28.98 35.83 5.00
CA GLN A 392 29.36 36.80 3.97
C GLN A 392 28.59 36.51 2.69
N PRO A 393 27.39 37.09 2.51
CA PRO A 393 26.64 36.86 1.28
C PRO A 393 27.26 37.50 0.05
N GLU A 394 28.37 38.23 0.21
CA GLU A 394 29.03 38.85 -0.93
C GLU A 394 29.65 37.83 -1.86
N ARG A 395 30.01 36.65 -1.35
CA ARG A 395 30.64 35.62 -2.16
C ARG A 395 29.70 35.02 -3.20
N PHE A 396 28.39 35.25 -3.08
CA PHE A 396 27.43 34.79 -4.08
C PHE A 396 27.00 35.89 -5.03
N LEU A 397 27.37 37.14 -4.77
CA LEU A 397 27.07 38.23 -5.71
C LEU A 397 27.84 38.00 -7.00
N ASP A 398 27.12 38.11 -8.13
CA ASP A 398 27.70 37.82 -9.44
C ASP A 398 28.31 36.41 -9.45
N ASN A 399 27.51 35.44 -9.00
CA ASN A 399 27.93 34.04 -9.02
C ASN A 399 26.75 33.18 -9.42
N LYS A 400 26.96 32.26 -10.36
CA LYS A 400 25.89 31.38 -10.80
C LYS A 400 25.73 30.15 -9.91
N ILE A 401 26.51 30.06 -8.82
CA ILE A 401 26.37 28.94 -7.90
C ILE A 401 25.00 29.00 -7.23
N ASP A 402 24.20 27.97 -7.46
CA ASP A 402 22.82 27.94 -6.97
C ASP A 402 22.55 26.57 -6.38
N PHE A 403 21.52 26.52 -5.51
CA PHE A 403 21.15 25.30 -4.82
C PHE A 403 20.17 24.44 -5.63
N LYS A 404 20.10 24.64 -6.95
CA LYS A 404 19.17 23.88 -7.78
C LYS A 404 19.57 22.42 -7.93
N GLY A 405 20.77 22.03 -7.51
CA GLY A 405 21.23 20.66 -7.58
C GLY A 405 22.40 20.43 -8.51
N GLN A 406 22.63 21.31 -9.48
CA GLN A 406 23.72 21.15 -10.42
C GLN A 406 25.04 21.71 -9.92
N ASP A 407 25.02 22.52 -8.86
CA ASP A 407 26.22 23.07 -8.24
C ASP A 407 26.46 22.30 -6.95
N TYR A 408 27.21 21.19 -7.05
CA TYR A 408 27.47 20.35 -5.89
C TYR A 408 28.29 21.04 -4.81
N GLU A 409 28.79 22.25 -5.06
CA GLU A 409 29.32 23.04 -3.96
C GLU A 409 28.22 23.47 -3.00
N LEU A 410 26.99 23.58 -3.51
CA LEU A 410 25.81 23.94 -2.72
C LEU A 410 24.75 22.86 -2.89
N ILE A 411 24.64 21.97 -1.90
CA ILE A 411 23.58 20.96 -1.93
C ILE A 411 22.80 21.04 -0.62
N PRO A 412 21.98 22.09 -0.40
CA PRO A 412 21.08 22.07 0.75
C PRO A 412 19.76 21.41 0.41
N PHE A 413 19.35 21.51 -0.85
CA PHE A 413 18.10 20.96 -1.35
C PHE A 413 18.30 19.63 -2.06
N GLY A 414 19.43 18.98 -1.84
CA GLY A 414 19.71 17.74 -2.54
C GLY A 414 19.96 17.96 -4.02
N SER A 415 20.07 16.84 -4.72
CA SER A 415 20.25 16.84 -6.17
C SER A 415 19.85 15.45 -6.67
N GLY A 416 20.31 15.09 -7.87
CA GLY A 416 20.03 13.76 -8.36
C GLY A 416 18.55 13.55 -8.62
N ARG A 417 18.15 12.26 -8.58
CA ARG A 417 16.80 11.89 -8.96
C ARG A 417 15.76 12.40 -7.96
N ARG A 418 16.10 12.43 -6.68
CA ARG A 418 15.15 12.84 -5.64
C ARG A 418 15.43 14.24 -5.13
N VAL A 419 15.59 15.20 -6.04
CA VAL A 419 15.79 16.58 -5.62
C VAL A 419 14.53 17.06 -4.89
N CYS A 420 14.69 18.10 -4.08
CA CYS A 420 13.59 18.67 -3.33
C CYS A 420 12.51 19.20 -4.26
N PRO A 421 11.29 18.65 -4.22
CA PRO A 421 10.22 19.18 -5.06
C PRO A 421 9.65 20.50 -4.57
N GLY A 422 9.96 20.90 -3.34
CA GLY A 422 9.42 22.13 -2.77
C GLY A 422 10.38 23.30 -2.82
N MET A 423 11.38 23.21 -3.69
CA MET A 423 12.33 24.32 -3.83
C MET A 423 11.66 25.62 -4.30
N PRO A 424 10.82 25.62 -5.35
CA PRO A 424 10.20 26.89 -5.76
C PRO A 424 9.30 27.48 -4.69
N LEU A 425 8.74 26.66 -3.81
CA LEU A 425 7.94 27.16 -2.70
C LEU A 425 8.79 27.54 -1.49
N ALA A 426 9.94 26.89 -1.32
CA ALA A 426 10.83 27.22 -0.21
C ALA A 426 11.41 28.61 -0.35
N ASN A 427 12.02 28.90 -1.51
CA ASN A 427 12.71 30.18 -1.66
C ASN A 427 11.74 31.36 -1.68
N ARG A 428 10.55 31.18 -2.26
CA ARG A 428 9.55 32.25 -2.18
C ARG A 428 9.10 32.47 -0.73
N MET A 429 9.12 31.43 0.10
CA MET A 429 8.85 31.62 1.52
C MET A 429 10.06 32.22 2.23
N LEU A 430 11.20 31.53 2.19
CA LEU A 430 12.39 31.95 2.91
C LEU A 430 12.76 33.40 2.62
N HIS A 431 12.39 33.92 1.46
CA HIS A 431 12.70 35.29 1.09
C HIS A 431 11.65 36.29 1.59
N THR A 432 10.37 36.01 1.33
CA THR A 432 9.34 37.00 1.63
C THR A 432 9.12 37.16 3.13
N VAL A 433 8.99 36.06 3.86
CA VAL A 433 8.77 36.15 5.30
C VAL A 433 10.00 36.65 6.02
N THR A 434 11.16 36.62 5.37
CA THR A 434 12.35 37.29 5.89
C THR A 434 12.37 38.76 5.50
N ALA A 435 12.18 39.05 4.21
CA ALA A 435 12.19 40.43 3.72
C ALA A 435 11.04 41.26 4.29
N THR A 436 10.02 40.63 4.87
CA THR A 436 8.97 41.39 5.51
C THR A 436 9.34 41.79 6.93
N LEU A 437 10.14 40.98 7.62
CA LEU A 437 10.63 41.36 8.93
C LEU A 437 11.87 42.24 8.86
N VAL A 438 12.63 42.16 7.76
CA VAL A 438 13.83 42.98 7.63
C VAL A 438 13.48 44.39 7.18
N HIS A 439 12.61 44.51 6.17
CA HIS A 439 12.31 45.82 5.60
C HIS A 439 11.46 46.68 6.52
N ASN A 440 10.71 46.07 7.44
CA ASN A 440 9.73 46.80 8.23
C ASN A 440 10.25 47.27 9.59
N PHE A 441 11.12 46.49 10.23
CA PHE A 441 11.57 46.82 11.58
C PHE A 441 13.08 46.74 11.66
N ASP A 442 13.63 47.40 12.69
CA ASP A 442 15.00 47.20 13.11
C ASP A 442 15.01 46.21 14.27
N TRP A 443 15.93 45.25 14.22
CA TRP A 443 15.98 44.19 15.21
C TRP A 443 17.27 44.29 16.02
N LYS A 444 17.16 43.86 17.27
CA LYS A 444 18.29 43.74 18.16
C LYS A 444 18.02 42.57 19.09
N LEU A 445 19.09 41.93 19.55
CA LEU A 445 18.94 40.75 20.38
C LEU A 445 18.22 41.10 21.67
N GLU A 446 17.26 40.25 22.06
CA GLU A 446 16.63 40.41 23.36
C GLU A 446 17.67 40.36 24.48
N ARG A 447 18.76 39.65 24.26
CA ARG A 447 19.81 39.47 25.26
C ARG A 447 21.15 39.68 24.57
N PRO A 448 21.72 40.89 24.64
CA PRO A 448 23.05 41.10 24.06
C PRO A 448 24.17 40.52 24.89
N ASP A 449 23.96 40.31 26.19
CA ASP A 449 24.91 39.60 27.02
C ASP A 449 24.51 38.12 27.10
N ALA A 450 24.66 37.45 25.96
CA ALA A 450 24.24 36.06 25.86
C ALA A 450 25.42 35.17 25.54
N PRO A 451 25.42 33.93 26.05
CA PRO A 451 26.51 33.01 25.72
C PRO A 451 26.53 32.68 24.24
N LEU A 452 27.71 32.79 23.63
CA LEU A 452 27.84 32.50 22.21
C LEU A 452 27.59 31.03 21.91
N ALA A 453 27.49 30.18 22.93
CA ALA A 453 27.09 28.79 22.69
C ALA A 453 25.67 28.72 22.17
N GLU A 454 24.80 29.67 22.53
CA GLU A 454 23.46 29.72 21.98
C GLU A 454 23.48 30.18 20.53
N HIS A 455 24.23 31.26 20.27
CA HIS A 455 24.43 31.71 18.89
C HIS A 455 25.09 30.61 18.09
N GLN A 456 24.71 30.49 16.82
CA GLN A 456 25.11 29.42 15.91
C GLN A 456 25.15 28.07 16.62
N GLY A 457 24.15 27.81 17.47
CA GLY A 457 24.05 26.52 18.12
C GLY A 457 23.44 25.48 17.21
N VAL A 458 23.76 24.21 17.46
CA VAL A 458 23.38 23.10 16.61
C VAL A 458 22.54 22.11 17.42
N LEU A 459 21.36 21.78 16.89
CA LEU A 459 20.47 20.76 17.46
C LEU A 459 20.22 19.68 16.43
N PHE A 460 20.82 18.51 16.64
CA PHE A 460 20.62 17.40 15.73
C PHE A 460 19.24 16.80 15.96
N GLY A 461 18.54 16.52 14.87
CA GLY A 461 17.21 15.94 14.89
C GLY A 461 16.72 15.77 13.48
N PHE A 462 15.51 16.27 13.19
CA PHE A 462 15.10 16.36 11.80
C PHE A 462 15.91 17.43 11.06
N ALA A 463 16.21 18.53 11.73
CA ALA A 463 17.00 19.61 11.17
C ALA A 463 17.85 20.23 12.27
N VAL A 464 18.97 20.82 11.88
CA VAL A 464 19.84 21.50 12.83
C VAL A 464 19.33 22.93 13.03
N ARG A 465 19.13 23.31 14.28
CA ARG A 465 18.65 24.64 14.61
C ARG A 465 19.46 25.17 15.79
N ARG A 466 19.18 26.42 16.16
CA ARG A 466 19.86 27.08 17.27
C ARG A 466 19.66 26.33 18.59
N ALA A 467 20.66 26.44 19.46
CA ALA A 467 20.56 25.83 20.78
C ALA A 467 19.45 26.46 21.61
N VAL A 468 19.24 27.77 21.44
CA VAL A 468 18.17 28.49 22.11
C VAL A 468 17.34 29.16 21.02
N PRO A 469 16.01 29.09 21.09
CA PRO A 469 15.19 29.76 20.07
C PRO A 469 15.51 31.24 19.99
N LEU A 470 15.63 31.73 18.76
CA LEU A 470 15.98 33.12 18.53
C LEU A 470 14.88 34.04 19.04
N ARG A 471 15.24 34.95 19.93
CA ARG A 471 14.31 35.93 20.47
C ARG A 471 14.90 37.32 20.27
N ILE A 472 14.32 38.10 19.36
CA ILE A 472 14.75 39.46 19.08
C ILE A 472 13.54 40.38 19.21
N VAL A 473 13.80 41.67 19.15
CA VAL A 473 12.75 42.66 19.34
C VAL A 473 12.66 43.60 18.16
N PRO A 474 11.46 43.97 17.72
CA PRO A 474 11.32 45.07 16.76
C PRO A 474 11.12 46.40 17.47
N TYR A 475 12.06 47.32 17.31
CA TYR A 475 11.98 48.60 18.01
C TYR A 475 11.80 49.76 17.04
N LYS A 476 11.25 49.48 15.86
CA LYS A 476 10.78 50.52 14.94
C LYS A 476 9.50 50.07 14.25
N LYS B 10 20.81 -14.86 -4.21
CA LYS B 10 20.23 -14.44 -5.47
C LYS B 10 18.72 -14.41 -5.42
N LEU B 11 18.13 -14.79 -4.29
CA LEU B 11 16.69 -14.92 -4.18
C LEU B 11 16.02 -13.55 -4.28
N PRO B 12 14.72 -13.50 -4.55
CA PRO B 12 14.01 -12.21 -4.61
C PRO B 12 14.15 -11.45 -3.31
N PRO B 13 13.98 -10.13 -3.33
CA PRO B 13 14.15 -9.34 -2.11
C PRO B 13 12.99 -9.55 -1.15
N GLY B 14 13.28 -9.38 0.14
CA GLY B 14 12.29 -9.54 1.17
C GLY B 14 12.77 -8.97 2.49
N PRO B 15 11.88 -8.90 3.47
CA PRO B 15 12.27 -8.33 4.77
C PRO B 15 13.24 -9.25 5.50
N PHE B 16 14.00 -8.64 6.39
CA PHE B 16 15.07 -9.30 7.12
C PHE B 16 14.55 -10.55 7.82
N PRO B 17 15.03 -11.74 7.46
CA PRO B 17 14.59 -12.98 8.12
C PRO B 17 15.20 -13.13 9.50
N TYR B 18 14.33 -13.15 10.51
CA TYR B 18 14.75 -13.35 11.89
C TYR B 18 14.96 -14.83 12.16
N PRO B 19 15.77 -15.17 13.17
CA PRO B 19 16.07 -16.58 13.45
C PRO B 19 14.82 -17.39 13.71
N ILE B 20 14.74 -18.53 13.02
CA ILE B 20 13.67 -19.52 13.16
C ILE B 20 12.35 -18.95 12.63
N VAL B 21 11.82 -17.91 13.29
CA VAL B 21 10.51 -17.40 12.90
C VAL B 21 10.56 -16.82 11.49
N GLY B 22 11.70 -16.30 11.07
CA GLY B 22 11.78 -15.69 9.74
C GLY B 22 10.90 -14.46 9.68
N ASN B 23 10.01 -14.42 8.69
CA ASN B 23 9.09 -13.30 8.54
C ASN B 23 7.67 -13.69 8.89
N MET B 24 7.47 -14.24 10.09
CA MET B 24 6.15 -14.65 10.53
C MET B 24 5.55 -13.78 11.61
N LEU B 25 6.33 -12.85 12.17
CA LEU B 25 5.81 -11.92 13.17
C LEU B 25 5.47 -10.56 12.57
N GLN B 26 6.03 -10.24 11.40
CA GLN B 26 5.73 -8.94 10.79
C GLN B 26 4.31 -8.90 10.26
N LEU B 27 3.90 -9.95 9.57
CA LEU B 27 2.52 -10.06 9.08
C LEU B 27 1.62 -10.52 10.22
N GLY B 28 0.68 -9.67 10.60
CA GLY B 28 -0.19 -9.94 11.73
C GLY B 28 -1.44 -10.67 11.28
N ALA B 29 -2.59 -10.07 11.54
CA ALA B 29 -3.85 -10.63 11.08
C ALA B 29 -4.09 -10.18 9.65
N GLN B 30 -4.74 -11.06 8.89
CA GLN B 30 -4.99 -10.85 7.46
C GLN B 30 -3.67 -10.64 6.73
N PRO B 31 -2.83 -11.66 6.61
CA PRO B 31 -1.52 -11.46 5.98
C PRO B 31 -1.60 -10.98 4.54
N HIS B 32 -2.64 -11.37 3.81
CA HIS B 32 -2.74 -11.00 2.39
C HIS B 32 -2.65 -9.49 2.19
N GLU B 33 -3.24 -8.74 3.12
CA GLU B 33 -3.14 -7.28 3.03
C GLU B 33 -1.71 -6.81 3.30
N THR B 34 -1.03 -7.46 4.25
CA THR B 34 0.36 -7.13 4.53
C THR B 34 1.26 -7.53 3.38
N PHE B 35 1.02 -8.72 2.81
CA PHE B 35 1.77 -9.16 1.64
C PHE B 35 1.56 -8.25 0.45
N ALA B 36 0.50 -7.45 0.44
CA ALA B 36 0.27 -6.53 -0.65
C ALA B 36 1.09 -5.24 -0.46
N LYS B 37 0.96 -4.63 0.72
CA LYS B 37 1.65 -3.36 0.97
C LYS B 37 3.16 -3.56 1.03
N LEU B 38 3.61 -4.68 1.61
CA LEU B 38 5.05 -4.97 1.64
C LEU B 38 5.62 -5.05 0.23
N SER B 39 4.78 -5.39 -0.76
CA SER B 39 5.25 -5.47 -2.14
C SER B 39 5.53 -4.11 -2.73
N LYS B 40 4.96 -3.04 -2.16
CA LYS B 40 5.13 -1.71 -2.72
C LYS B 40 6.54 -1.15 -2.52
N LYS B 41 7.31 -1.70 -1.58
CA LYS B 41 8.69 -1.28 -1.37
C LYS B 41 9.70 -2.30 -1.88
N TYR B 42 9.42 -3.59 -1.73
CA TYR B 42 10.40 -4.63 -2.06
C TYR B 42 10.27 -5.11 -3.50
N GLY B 43 9.06 -5.12 -4.05
CA GLY B 43 8.87 -5.41 -5.45
C GLY B 43 7.86 -6.51 -5.71
N PRO B 44 7.69 -6.86 -7.00
CA PRO B 44 6.74 -7.92 -7.35
C PRO B 44 7.17 -9.31 -6.90
N LEU B 45 8.46 -9.60 -6.90
CA LEU B 45 8.98 -10.88 -6.43
C LEU B 45 9.50 -10.67 -5.01
N MET B 46 8.70 -11.05 -4.02
CA MET B 46 9.09 -10.90 -2.63
C MET B 46 9.49 -12.26 -2.05
N SER B 47 10.21 -12.22 -0.92
CA SER B 47 10.68 -13.44 -0.27
C SER B 47 10.41 -13.34 1.22
N VAL B 48 9.47 -14.16 1.70
CA VAL B 48 9.09 -14.19 3.10
C VAL B 48 9.42 -15.57 3.66
N HIS B 49 10.11 -15.60 4.79
CA HIS B 49 10.51 -16.86 5.43
C HIS B 49 9.44 -17.25 6.45
N LEU B 50 8.37 -17.85 5.94
CA LEU B 50 7.34 -18.37 6.83
C LEU B 50 7.89 -19.59 7.55
N GLY B 51 8.49 -19.37 8.71
CA GLY B 51 9.15 -20.45 9.43
C GLY B 51 10.28 -21.02 8.59
N SER B 52 10.26 -22.34 8.40
CA SER B 52 11.19 -22.99 7.51
C SER B 52 10.69 -23.01 6.07
N LEU B 53 9.41 -22.77 5.86
CA LEU B 53 8.78 -22.79 4.55
C LEU B 53 9.17 -21.53 3.80
N TYR B 54 10.11 -21.65 2.86
CA TYR B 54 10.45 -20.51 2.01
C TYR B 54 9.29 -20.19 1.09
N THR B 55 9.04 -18.91 0.87
CA THR B 55 7.86 -18.48 0.14
C THR B 55 8.20 -17.25 -0.70
N VAL B 56 7.81 -17.29 -1.97
CA VAL B 56 7.97 -16.18 -2.89
C VAL B 56 6.60 -15.60 -3.18
N ILE B 57 6.46 -14.29 -2.97
CA ILE B 57 5.20 -13.57 -3.18
C ILE B 57 5.27 -12.89 -4.55
N VAL B 58 4.20 -13.03 -5.33
CA VAL B 58 4.12 -12.47 -6.68
C VAL B 58 2.91 -11.52 -6.72
N SER B 59 3.14 -10.27 -7.09
CA SER B 59 2.12 -9.24 -7.00
C SER B 59 2.16 -8.31 -8.22
N SER B 60 2.23 -8.89 -9.42
CA SER B 60 2.15 -8.12 -10.64
C SER B 60 1.74 -9.05 -11.77
N PRO B 61 1.01 -8.55 -12.77
CA PRO B 61 0.54 -9.45 -13.84
C PRO B 61 1.67 -10.14 -14.60
N GLU B 62 2.69 -9.39 -15.01
CA GLU B 62 3.78 -9.98 -15.78
C GLU B 62 4.55 -11.01 -14.97
N MET B 63 4.63 -10.84 -13.64
CA MET B 63 5.30 -11.85 -12.82
C MET B 63 4.48 -13.12 -12.74
N ALA B 64 3.15 -12.99 -12.58
CA ALA B 64 2.28 -14.16 -12.65
C ALA B 64 2.34 -14.81 -14.03
N LYS B 65 2.63 -14.01 -15.06
CA LYS B 65 2.81 -14.55 -16.40
C LYS B 65 4.05 -15.41 -16.48
N GLU B 66 5.15 -14.97 -15.87
CA GLU B 66 6.36 -15.76 -15.82
C GLU B 66 6.17 -17.01 -14.96
N ILE B 67 5.46 -16.88 -13.84
CA ILE B 67 5.33 -17.99 -12.90
C ILE B 67 4.36 -19.04 -13.43
N MET B 68 3.16 -18.61 -13.85
CA MET B 68 2.11 -19.58 -14.14
C MET B 68 2.18 -20.16 -15.54
N LEU B 69 2.53 -19.35 -16.55
CA LEU B 69 2.45 -19.84 -17.92
C LEU B 69 3.83 -20.04 -18.56
N LYS B 70 4.63 -18.97 -18.69
CA LYS B 70 5.89 -19.08 -19.43
C LYS B 70 6.79 -20.15 -18.81
N TYR B 71 7.11 -19.98 -17.52
CA TYR B 71 7.84 -21.00 -16.78
C TYR B 71 6.90 -21.91 -16.00
N GLY B 72 5.67 -22.06 -16.49
CA GLY B 72 4.61 -22.64 -15.66
C GLY B 72 4.78 -24.12 -15.40
N THR B 73 5.19 -24.90 -16.43
CA THR B 73 5.37 -26.33 -16.23
C THR B 73 6.41 -26.63 -15.16
N VAL B 74 7.30 -25.68 -14.87
CA VAL B 74 8.21 -25.81 -13.74
C VAL B 74 7.48 -25.53 -12.43
N PHE B 75 6.85 -24.36 -12.34
CA PHE B 75 6.09 -23.97 -11.15
C PHE B 75 4.69 -24.56 -11.15
N SER B 76 4.57 -25.85 -11.49
CA SER B 76 3.28 -26.51 -11.63
C SER B 76 2.97 -27.45 -10.48
N GLY B 77 3.78 -27.41 -9.41
CA GLY B 77 3.53 -28.22 -8.23
C GLY B 77 2.58 -27.54 -7.26
N ARG B 78 2.49 -28.12 -6.06
CA ARG B 78 1.60 -27.60 -5.03
C ARG B 78 2.22 -27.85 -3.66
N THR B 79 2.26 -26.81 -2.83
CA THR B 79 2.60 -27.01 -1.44
C THR B 79 1.44 -27.70 -0.73
N VAL B 80 1.73 -28.81 -0.07
CA VAL B 80 0.72 -29.67 0.51
C VAL B 80 0.65 -29.40 2.00
N ALA B 81 -0.55 -29.19 2.52
CA ALA B 81 -0.74 -28.93 3.94
C ALA B 81 -0.80 -30.24 4.71
N GLN B 82 -0.72 -30.12 6.04
CA GLN B 82 -0.73 -31.31 6.89
C GLN B 82 -2.13 -31.92 6.95
N ALA B 83 -3.16 -31.08 6.98
CA ALA B 83 -4.53 -31.58 6.96
C ALA B 83 -4.88 -32.30 5.66
N VAL B 84 -4.12 -32.05 4.60
CA VAL B 84 -4.41 -32.70 3.31
C VAL B 84 -3.96 -34.15 3.32
N HIS B 85 -2.99 -34.53 4.16
CA HIS B 85 -2.62 -35.93 4.25
C HIS B 85 -3.72 -36.80 4.87
N ALA B 86 -4.77 -36.18 5.41
CA ALA B 86 -5.86 -36.94 6.01
C ALA B 86 -6.50 -37.86 4.99
N CYS B 87 -6.67 -39.13 5.37
CA CYS B 87 -7.20 -40.18 4.51
C CYS B 87 -6.38 -40.34 3.24
N ASP B 88 -5.10 -39.93 3.28
CA ASP B 88 -4.18 -40.01 2.14
C ASP B 88 -4.72 -39.21 0.95
N HIS B 89 -5.35 -38.07 1.25
CA HIS B 89 -5.85 -37.19 0.21
C HIS B 89 -4.70 -36.53 -0.56
N ASP B 90 -3.59 -36.22 0.12
CA ASP B 90 -2.48 -35.55 -0.54
C ASP B 90 -1.81 -36.40 -1.62
N LYS B 91 -2.22 -37.66 -1.80
CA LYS B 91 -1.61 -38.54 -2.77
C LYS B 91 -2.61 -39.11 -3.77
N ILE B 92 -3.86 -38.69 -3.73
CA ILE B 92 -4.91 -39.21 -4.59
C ILE B 92 -5.61 -38.06 -5.27
N SER B 93 -5.66 -36.92 -4.60
CA SER B 93 -6.43 -35.77 -5.08
C SER B 93 -5.77 -35.13 -6.29
N MET B 94 -6.60 -34.63 -7.20
CA MET B 94 -6.10 -33.84 -8.33
C MET B 94 -5.57 -32.49 -7.86
N GLY B 95 -6.07 -31.99 -6.74
CA GLY B 95 -5.63 -30.68 -6.25
C GLY B 95 -4.17 -30.66 -5.84
N PHE B 96 -3.74 -31.67 -5.08
CA PHE B 96 -2.42 -31.65 -4.45
C PHE B 96 -1.53 -32.78 -4.95
N LEU B 97 -1.65 -33.15 -6.23
CA LEU B 97 -0.76 -34.15 -6.81
C LEU B 97 0.20 -33.51 -7.82
N PRO B 98 1.43 -33.99 -7.90
CA PRO B 98 2.33 -33.55 -8.99
C PRO B 98 1.72 -33.85 -10.35
N ILE B 99 2.10 -33.03 -11.33
CA ILE B 99 1.63 -33.22 -12.70
C ILE B 99 2.12 -34.55 -13.23
N GLY B 100 1.20 -35.50 -13.42
CA GLY B 100 1.59 -36.83 -13.86
C GLY B 100 0.52 -37.52 -14.66
N ALA B 101 0.58 -38.85 -14.72
CA ALA B 101 -0.40 -39.60 -15.50
C ALA B 101 -1.77 -39.56 -14.83
N GLU B 102 -1.81 -39.73 -13.51
CA GLU B 102 -3.07 -39.71 -12.77
C GLU B 102 -3.65 -38.30 -12.69
N TRP B 103 -2.82 -37.28 -12.85
CA TRP B 103 -3.32 -35.91 -12.84
C TRP B 103 -3.83 -35.51 -14.22
N ARG B 104 -3.06 -35.83 -15.27
CA ARG B 104 -3.48 -35.52 -16.63
C ARG B 104 -4.82 -36.17 -16.96
N ASP B 105 -5.04 -37.39 -16.48
CA ASP B 105 -6.33 -38.05 -16.71
C ASP B 105 -7.45 -37.31 -15.99
N MET B 106 -7.23 -36.92 -14.73
CA MET B 106 -8.28 -36.25 -13.98
C MET B 106 -8.55 -34.84 -14.50
N ARG B 107 -7.62 -34.25 -15.23
CA ARG B 107 -7.91 -32.98 -15.91
C ARG B 107 -8.66 -33.23 -17.22
N LYS B 108 -8.14 -34.12 -18.06
CA LYS B 108 -8.83 -34.45 -19.31
C LYS B 108 -10.23 -34.99 -19.04
N ILE B 109 -10.43 -35.66 -17.90
CA ILE B 109 -11.77 -36.09 -17.53
C ILE B 109 -12.61 -34.89 -17.10
N CYS B 110 -12.01 -33.97 -16.34
CA CYS B 110 -12.75 -32.80 -15.86
C CYS B 110 -13.17 -31.89 -17.01
N LYS B 111 -12.19 -31.39 -17.77
CA LYS B 111 -12.48 -30.39 -18.79
C LYS B 111 -13.30 -30.96 -19.93
N GLU B 112 -12.98 -32.18 -20.38
CA GLU B 112 -13.58 -32.68 -21.62
C GLU B 112 -14.97 -33.28 -21.41
N GLN B 113 -15.25 -33.87 -20.24
CA GLN B 113 -16.50 -34.58 -20.04
C GLN B 113 -17.40 -33.92 -19.01
N MET B 114 -16.93 -33.69 -17.78
CA MET B 114 -17.82 -33.22 -16.72
C MET B 114 -18.06 -31.72 -16.78
N PHE B 115 -17.13 -30.93 -17.31
CA PHE B 115 -17.26 -29.48 -17.30
C PHE B 115 -17.38 -28.86 -18.69
N SER B 116 -17.54 -29.68 -19.73
CA SER B 116 -17.86 -29.14 -21.04
C SER B 116 -19.30 -28.64 -21.06
N HIS B 117 -19.64 -27.89 -22.12
CA HIS B 117 -21.00 -27.35 -22.22
C HIS B 117 -22.03 -28.46 -22.33
N GLN B 118 -21.70 -29.54 -23.05
CA GLN B 118 -22.65 -30.63 -23.25
C GLN B 118 -23.08 -31.25 -21.92
N SER B 119 -22.19 -31.29 -20.93
CA SER B 119 -22.58 -31.75 -19.61
C SER B 119 -23.15 -30.64 -18.75
N MET B 120 -22.74 -29.39 -19.01
CA MET B 120 -23.31 -28.27 -18.28
C MET B 120 -24.73 -27.97 -18.74
N GLU B 121 -24.98 -28.07 -20.05
CA GLU B 121 -26.31 -27.82 -20.58
C GLU B 121 -27.28 -28.95 -20.21
N ASP B 122 -26.78 -30.17 -20.03
CA ASP B 122 -27.65 -31.27 -19.61
C ASP B 122 -27.94 -31.20 -18.11
N SER B 123 -26.99 -30.75 -17.30
CA SER B 123 -27.19 -30.58 -15.88
C SER B 123 -27.88 -29.26 -15.54
N GLN B 124 -28.33 -28.53 -16.55
CA GLN B 124 -29.00 -27.25 -16.32
C GLN B 124 -30.33 -27.45 -15.60
N GLY B 125 -31.08 -28.50 -15.94
CA GLY B 125 -32.37 -28.73 -15.33
C GLY B 125 -32.32 -29.30 -13.92
N LEU B 126 -31.21 -29.93 -13.53
CA LEU B 126 -31.08 -30.43 -12.17
C LEU B 126 -30.83 -29.33 -11.17
N ARG B 127 -30.44 -28.15 -11.63
CA ARG B 127 -30.07 -27.05 -10.75
C ARG B 127 -31.15 -25.98 -10.62
N LYS B 128 -32.02 -25.83 -11.63
CA LYS B 128 -33.09 -24.86 -11.51
C LYS B 128 -34.03 -25.19 -10.35
N GLN B 129 -34.36 -26.47 -10.17
CA GLN B 129 -35.14 -26.87 -9.01
C GLN B 129 -34.48 -26.43 -7.72
N LYS B 130 -33.15 -26.45 -7.66
CA LYS B 130 -32.44 -26.08 -6.46
C LYS B 130 -32.42 -24.57 -6.24
N LEU B 131 -32.59 -23.79 -7.30
CA LEU B 131 -32.78 -22.35 -7.14
C LEU B 131 -34.22 -22.05 -6.75
N GLN B 132 -35.17 -22.82 -7.29
CA GLN B 132 -36.57 -22.63 -6.94
C GLN B 132 -36.80 -22.88 -5.45
N GLN B 133 -36.17 -23.92 -4.91
CA GLN B 133 -36.28 -24.19 -3.47
C GLN B 133 -35.81 -23.00 -2.65
N LEU B 134 -34.75 -22.33 -3.09
CA LEU B 134 -34.28 -21.14 -2.40
C LEU B 134 -35.24 -19.98 -2.60
N LEU B 135 -35.67 -19.77 -3.84
CA LEU B 135 -36.60 -18.68 -4.14
C LEU B 135 -37.93 -18.87 -3.39
N ASP B 136 -38.40 -20.12 -3.28
CA ASP B 136 -39.57 -20.37 -2.44
C ASP B 136 -39.24 -20.13 -0.98
N HIS B 137 -38.03 -20.50 -0.55
CA HIS B 137 -37.62 -20.18 0.82
C HIS B 137 -37.35 -18.70 0.98
N ALA B 138 -36.82 -18.03 -0.05
CA ALA B 138 -36.63 -16.59 0.03
C ALA B 138 -37.96 -15.87 0.16
N HIS B 139 -38.98 -16.35 -0.56
CA HIS B 139 -40.32 -15.78 -0.40
C HIS B 139 -40.89 -16.11 0.97
N ARG B 140 -40.47 -17.24 1.56
CA ARG B 140 -40.91 -17.56 2.90
C ARG B 140 -40.44 -16.51 3.90
N CYS B 141 -39.18 -16.08 3.80
CA CYS B 141 -38.67 -15.08 4.73
C CYS B 141 -39.19 -13.68 4.46
N SER B 142 -39.82 -13.44 3.31
CA SER B 142 -40.36 -12.13 3.02
C SER B 142 -41.78 -11.95 3.54
N GLU B 143 -42.57 -13.03 3.60
CA GLU B 143 -43.93 -12.94 4.11
C GLU B 143 -43.93 -12.54 5.58
N GLN B 144 -43.30 -13.35 6.43
CA GLN B 144 -43.15 -12.95 7.83
C GLN B 144 -42.18 -11.78 8.00
N GLY B 145 -41.44 -11.41 6.95
CA GLY B 145 -40.52 -10.30 7.06
C GLY B 145 -39.30 -10.57 7.91
N ARG B 146 -38.83 -11.81 7.94
CA ARG B 146 -37.60 -12.13 8.65
C ARG B 146 -36.40 -11.82 7.79
N ALA B 147 -35.22 -11.86 8.40
CA ALA B 147 -33.97 -11.61 7.71
C ALA B 147 -33.35 -12.91 7.26
N ILE B 148 -32.69 -12.87 6.11
CA ILE B 148 -32.05 -14.05 5.52
C ILE B 148 -30.55 -13.93 5.71
N ASP B 149 -29.93 -14.98 6.23
CA ASP B 149 -28.48 -15.04 6.36
C ASP B 149 -27.92 -15.40 4.99
N ILE B 150 -27.34 -14.41 4.30
CA ILE B 150 -26.90 -14.60 2.92
C ILE B 150 -25.86 -15.72 2.84
N ARG B 151 -24.91 -15.74 3.78
CA ARG B 151 -23.91 -16.79 3.76
C ARG B 151 -24.53 -18.17 3.97
N GLU B 152 -25.35 -18.30 5.03
CA GLU B 152 -26.06 -19.56 5.26
C GLU B 152 -26.90 -19.96 4.06
N ALA B 153 -27.68 -19.02 3.52
CA ALA B 153 -28.53 -19.33 2.37
C ALA B 153 -27.71 -19.67 1.14
N ALA B 154 -26.61 -18.94 0.91
CA ALA B 154 -25.80 -19.22 -0.27
C ALA B 154 -24.98 -20.50 -0.12
N PHE B 155 -24.74 -20.95 1.12
CA PHE B 155 -24.04 -22.20 1.35
C PHE B 155 -24.95 -23.39 1.05
N ILE B 156 -26.13 -23.40 1.66
CA ILE B 156 -27.07 -24.50 1.45
C ILE B 156 -27.48 -24.61 -0.01
N THR B 157 -27.72 -23.46 -0.66
CA THR B 157 -28.03 -23.47 -2.09
C THR B 157 -26.87 -24.02 -2.90
N THR B 158 -25.64 -23.67 -2.50
CA THR B 158 -24.46 -24.15 -3.23
C THR B 158 -24.33 -25.67 -3.12
N LEU B 159 -24.51 -26.22 -1.91
CA LEU B 159 -24.45 -27.67 -1.76
C LEU B 159 -25.57 -28.35 -2.53
N ASN B 160 -26.79 -27.83 -2.42
CA ASN B 160 -27.89 -28.36 -3.22
C ASN B 160 -27.59 -28.27 -4.70
N LEU B 161 -26.82 -27.26 -5.12
CA LEU B 161 -26.43 -27.13 -6.51
C LEU B 161 -25.33 -28.13 -6.87
N MET B 162 -24.34 -28.29 -5.98
CA MET B 162 -23.28 -29.25 -6.23
C MET B 162 -23.76 -30.69 -6.03
N SER B 163 -24.68 -30.93 -5.08
CA SER B 163 -25.17 -32.28 -4.86
C SER B 163 -26.03 -32.75 -6.02
N ALA B 164 -26.82 -31.84 -6.60
CA ALA B 164 -27.63 -32.20 -7.77
C ALA B 164 -26.75 -32.41 -8.99
N THR B 165 -25.70 -31.60 -9.14
CA THR B 165 -24.83 -31.75 -10.31
C THR B 165 -24.00 -33.02 -10.23
N LEU B 166 -23.68 -33.50 -9.02
CA LEU B 166 -22.83 -34.65 -8.83
C LEU B 166 -23.62 -35.95 -8.66
N PHE B 167 -24.65 -35.93 -7.81
CA PHE B 167 -25.36 -37.14 -7.43
C PHE B 167 -26.79 -37.19 -7.95
N SER B 168 -27.33 -36.07 -8.40
CA SER B 168 -28.75 -35.94 -8.78
C SER B 168 -29.65 -36.28 -7.61
N MET B 169 -29.44 -35.57 -6.49
CA MET B 169 -30.35 -35.70 -5.37
C MET B 169 -31.62 -34.92 -5.66
N GLN B 170 -32.77 -35.54 -5.44
CA GLN B 170 -34.04 -34.95 -5.82
C GLN B 170 -34.87 -34.67 -4.57
N ALA B 171 -34.31 -33.94 -3.63
CA ALA B 171 -35.01 -33.62 -2.40
C ALA B 171 -36.07 -32.55 -2.63
N THR B 172 -37.02 -32.47 -1.71
CA THR B 172 -38.10 -31.51 -1.77
C THR B 172 -37.94 -30.39 -0.75
N GLU B 173 -36.92 -30.45 0.09
CA GLU B 173 -36.69 -29.47 1.13
C GLU B 173 -35.43 -28.68 0.83
N PHE B 174 -35.46 -27.38 1.13
CA PHE B 174 -34.26 -26.56 1.01
C PHE B 174 -33.16 -27.09 1.92
N ASP B 175 -33.44 -27.18 3.22
CA ASP B 175 -32.51 -27.78 4.18
C ASP B 175 -32.76 -29.29 4.27
N SER B 176 -32.53 -29.97 3.16
CA SER B 176 -32.77 -31.40 3.09
C SER B 176 -31.82 -32.15 4.03
N LYS B 177 -32.24 -33.37 4.38
CA LYS B 177 -31.45 -34.21 5.28
C LYS B 177 -30.04 -34.43 4.76
N VAL B 178 -29.91 -34.72 3.47
CA VAL B 178 -28.60 -34.93 2.87
C VAL B 178 -27.77 -33.65 2.93
N THR B 179 -28.40 -32.51 2.65
CA THR B 179 -27.66 -31.27 2.49
C THR B 179 -26.99 -30.84 3.79
N MET B 180 -27.66 -31.08 4.93
CA MET B 180 -27.09 -30.64 6.19
C MET B 180 -26.03 -31.61 6.72
N GLU B 181 -26.02 -32.86 6.24
CA GLU B 181 -24.87 -33.71 6.53
C GLU B 181 -23.63 -33.18 5.81
N PHE B 182 -23.80 -32.71 4.57
CA PHE B 182 -22.67 -32.15 3.83
C PHE B 182 -22.25 -30.81 4.38
N LYS B 183 -23.20 -30.02 4.91
CA LYS B 183 -22.87 -28.68 5.36
C LYS B 183 -21.98 -28.71 6.59
N GLU B 184 -22.21 -29.67 7.50
CA GLU B 184 -21.38 -29.75 8.70
C GLU B 184 -19.95 -30.14 8.36
N ILE B 185 -19.78 -31.14 7.49
CA ILE B 185 -18.45 -31.67 7.21
C ILE B 185 -17.58 -30.63 6.53
N ILE B 186 -18.14 -29.89 5.56
CA ILE B 186 -17.39 -28.82 4.92
C ILE B 186 -16.99 -27.77 5.95
N GLU B 187 -17.97 -27.29 6.73
CA GLU B 187 -17.68 -26.30 7.76
C GLU B 187 -16.70 -26.85 8.80
N GLY B 188 -16.75 -28.16 9.07
CA GLY B 188 -15.76 -28.75 9.95
C GLY B 188 -14.38 -28.81 9.32
N VAL B 189 -14.32 -29.15 8.03
CA VAL B 189 -13.04 -29.18 7.32
C VAL B 189 -12.46 -27.77 7.23
N ALA B 190 -13.29 -26.79 6.86
CA ALA B 190 -12.83 -25.41 6.75
C ALA B 190 -12.35 -24.87 8.08
N SER B 191 -13.01 -25.26 9.18
CA SER B 191 -12.60 -24.81 10.50
C SER B 191 -11.24 -25.37 10.90
N ILE B 192 -10.78 -26.42 10.23
CA ILE B 192 -9.48 -27.03 10.50
C ILE B 192 -8.43 -26.32 9.66
N VAL B 193 -8.65 -26.31 8.34
CA VAL B 193 -7.70 -25.70 7.43
C VAL B 193 -7.63 -24.19 7.64
N GLY B 194 -8.76 -23.56 8.00
CA GLY B 194 -8.82 -22.11 8.13
C GLY B 194 -8.01 -21.52 9.25
N VAL B 195 -7.35 -22.33 10.06
CA VAL B 195 -6.50 -21.84 11.15
C VAL B 195 -5.10 -22.38 10.95
N PRO B 196 -4.06 -21.63 11.33
CA PRO B 196 -2.69 -22.07 11.04
C PRO B 196 -2.31 -23.33 11.80
N ASN B 197 -1.62 -24.23 11.11
CA ASN B 197 -1.04 -25.43 11.70
C ASN B 197 0.48 -25.28 11.61
N PHE B 198 1.11 -25.01 12.74
CA PHE B 198 2.55 -24.73 12.77
C PHE B 198 3.39 -25.92 12.31
N ALA B 199 2.79 -27.12 12.22
CA ALA B 199 3.51 -28.24 11.62
C ALA B 199 3.87 -27.96 10.16
N ASP B 200 3.04 -27.19 9.47
CA ASP B 200 3.30 -26.88 8.06
C ASP B 200 4.52 -25.99 7.89
N TYR B 201 4.76 -25.07 8.83
CA TYR B 201 5.89 -24.16 8.74
C TYR B 201 7.12 -24.65 9.50
N PHE B 202 6.94 -25.52 10.49
CA PHE B 202 8.02 -26.00 11.34
C PHE B 202 8.07 -27.52 11.22
N PRO B 203 8.89 -28.04 10.28
CA PRO B 203 8.81 -29.47 9.95
C PRO B 203 9.11 -30.39 11.12
N ILE B 204 9.87 -29.93 12.12
CA ILE B 204 10.20 -30.77 13.26
C ILE B 204 8.95 -31.17 14.03
N LEU B 205 7.88 -30.38 13.94
CA LEU B 205 6.62 -30.69 14.62
C LEU B 205 5.73 -31.64 13.82
N ARG B 206 6.11 -32.01 12.60
CA ARG B 206 5.23 -32.83 11.79
C ARG B 206 5.02 -34.22 12.37
N PRO B 207 6.05 -34.97 12.80
CA PRO B 207 5.77 -36.29 13.41
C PRO B 207 4.81 -36.23 14.59
N PHE B 208 5.02 -35.26 15.49
CA PHE B 208 4.22 -35.21 16.71
C PHE B 208 2.79 -34.76 16.41
N ASP B 209 2.63 -33.77 15.53
CA ASP B 209 1.35 -33.15 15.21
C ASP B 209 0.71 -32.59 16.47
N PRO B 210 1.25 -31.49 17.02
CA PRO B 210 0.81 -31.04 18.34
C PRO B 210 -0.61 -30.51 18.38
N GLN B 211 -1.02 -29.71 17.40
CA GLN B 211 -2.36 -29.15 17.41
C GLN B 211 -3.43 -30.14 16.99
N GLY B 212 -3.08 -31.40 16.75
CA GLY B 212 -4.03 -32.41 16.36
C GLY B 212 -4.87 -32.03 15.16
N VAL B 213 -4.23 -31.57 14.10
CA VAL B 213 -4.96 -31.16 12.90
C VAL B 213 -5.12 -32.32 11.93
N LYS B 214 -4.04 -33.07 11.72
CA LYS B 214 -4.11 -34.26 10.88
C LYS B 214 -5.17 -35.23 11.37
N ARG B 215 -5.29 -35.38 12.70
CA ARG B 215 -6.28 -36.30 13.25
C ARG B 215 -7.70 -35.82 12.98
N ARG B 216 -8.04 -34.62 13.44
CA ARG B 216 -9.39 -34.11 13.27
C ARG B 216 -9.77 -33.95 11.80
N ALA B 217 -8.79 -33.74 10.93
CA ALA B 217 -9.08 -33.69 9.50
C ALA B 217 -9.44 -35.07 8.97
N ASP B 218 -8.73 -36.10 9.45
CA ASP B 218 -9.03 -37.47 9.04
C ASP B 218 -10.46 -37.85 9.41
N VAL B 219 -11.00 -37.28 10.50
CA VAL B 219 -12.36 -37.62 10.93
C VAL B 219 -13.39 -37.17 9.90
N TYR B 220 -13.36 -35.88 9.54
CA TYR B 220 -14.34 -35.37 8.59
C TYR B 220 -14.09 -35.88 7.18
N PHE B 221 -12.83 -36.09 6.80
CA PHE B 221 -12.55 -36.69 5.50
C PHE B 221 -13.12 -38.10 5.41
N GLY B 222 -13.01 -38.87 6.50
CA GLY B 222 -13.62 -40.19 6.51
C GLY B 222 -15.13 -40.14 6.42
N ARG B 223 -15.74 -39.08 6.93
CA ARG B 223 -17.19 -38.93 6.83
C ARG B 223 -17.60 -38.51 5.42
N LEU B 224 -16.97 -37.45 4.90
CA LEU B 224 -17.33 -36.94 3.59
C LEU B 224 -17.09 -37.98 2.49
N LEU B 225 -16.11 -38.86 2.69
CA LEU B 225 -15.86 -39.93 1.73
C LEU B 225 -16.76 -41.13 1.95
N ALA B 226 -17.28 -41.32 3.16
CA ALA B 226 -18.26 -42.38 3.38
C ALA B 226 -19.57 -42.07 2.66
N LEU B 227 -20.00 -40.81 2.69
CA LEU B 227 -21.23 -40.43 1.99
C LEU B 227 -21.06 -40.49 0.48
N ILE B 228 -19.87 -40.19 -0.02
CA ILE B 228 -19.62 -40.31 -1.45
C ILE B 228 -19.55 -41.79 -1.85
N GLU B 229 -18.99 -42.63 -0.97
CA GLU B 229 -18.98 -44.08 -1.22
C GLU B 229 -20.40 -44.61 -1.37
N GLY B 230 -21.28 -44.26 -0.43
CA GLY B 230 -22.65 -44.76 -0.48
C GLY B 230 -23.39 -44.35 -1.74
N TYR B 231 -23.08 -43.18 -2.29
CA TYR B 231 -23.74 -42.74 -3.52
C TYR B 231 -23.16 -43.38 -4.76
N LEU B 232 -21.97 -43.98 -4.66
CA LEU B 232 -21.37 -44.67 -5.79
C LEU B 232 -21.83 -46.13 -5.86
N ASN B 233 -21.66 -46.87 -4.77
CA ASN B 233 -22.04 -48.27 -4.76
C ASN B 233 -23.53 -48.47 -5.01
N ASP B 234 -24.36 -47.51 -4.57
CA ASP B 234 -25.78 -47.60 -4.83
C ASP B 234 -26.12 -47.32 -6.29
N ARG B 235 -25.33 -46.48 -6.96
CA ARG B 235 -25.56 -46.25 -8.39
C ARG B 235 -25.05 -47.40 -9.24
N ILE B 236 -23.98 -48.07 -8.82
CA ILE B 236 -23.52 -49.25 -9.52
C ILE B 236 -24.63 -50.30 -9.56
N GLN B 237 -25.35 -50.42 -8.45
CA GLN B 237 -26.46 -51.38 -8.38
C GLN B 237 -27.64 -50.94 -9.25
N SER B 238 -27.91 -49.63 -9.30
CA SER B 238 -28.97 -49.13 -10.17
C SER B 238 -28.63 -49.35 -11.64
N ARG B 239 -27.34 -49.22 -11.99
CA ARG B 239 -26.90 -49.51 -13.35
C ARG B 239 -26.90 -51.02 -13.61
N LYS B 240 -26.77 -51.83 -12.56
CA LYS B 240 -26.74 -53.28 -12.70
C LYS B 240 -28.15 -53.87 -12.79
N ALA B 241 -29.06 -53.43 -11.91
CA ALA B 241 -30.38 -54.05 -11.83
C ALA B 241 -31.22 -53.76 -13.07
N ASN B 242 -31.41 -52.50 -13.39
CA ASN B 242 -32.17 -52.13 -14.59
C ASN B 242 -31.25 -51.50 -15.64
N PRO B 243 -30.88 -52.25 -16.68
CA PRO B 243 -30.04 -51.69 -17.75
C PRO B 243 -30.77 -50.73 -18.69
N ASP B 244 -32.06 -50.48 -18.47
CA ASP B 244 -32.79 -49.46 -19.22
C ASP B 244 -32.54 -48.11 -18.56
N ALA B 245 -31.27 -47.76 -18.40
CA ALA B 245 -30.89 -46.56 -17.67
C ALA B 245 -31.47 -45.30 -18.30
N PRO B 246 -32.22 -44.50 -17.54
CA PRO B 246 -32.70 -43.22 -18.05
C PRO B 246 -31.59 -42.19 -18.19
N LYS B 247 -31.97 -40.94 -18.45
CA LYS B 247 -31.02 -39.84 -18.53
C LYS B 247 -30.30 -39.66 -17.20
N LYS B 248 -29.01 -39.97 -17.15
CA LYS B 248 -28.20 -39.73 -15.96
C LYS B 248 -27.08 -38.76 -16.35
N ASP B 249 -27.47 -37.52 -16.64
CA ASP B 249 -26.55 -36.48 -17.09
C ASP B 249 -25.92 -35.72 -15.92
N ASP B 250 -25.35 -36.46 -14.97
CA ASP B 250 -24.67 -35.86 -13.83
C ASP B 250 -23.22 -36.33 -13.84
N PHE B 251 -22.48 -35.96 -12.80
CA PHE B 251 -21.07 -36.32 -12.75
C PHE B 251 -20.87 -37.75 -12.33
N LEU B 252 -21.77 -38.28 -11.49
CA LEU B 252 -21.60 -39.64 -10.99
C LEU B 252 -21.72 -40.66 -12.10
N GLU B 253 -22.69 -40.51 -13.00
CA GLU B 253 -22.82 -41.45 -14.11
C GLU B 253 -21.62 -41.39 -15.03
N THR B 254 -21.12 -40.19 -15.31
CA THR B 254 -19.90 -40.06 -16.10
C THR B 254 -18.76 -40.83 -15.43
N LEU B 255 -18.60 -40.66 -14.12
CA LEU B 255 -17.52 -41.34 -13.41
C LEU B 255 -17.73 -42.85 -13.39
N VAL B 256 -18.99 -43.29 -13.23
CA VAL B 256 -19.30 -44.72 -13.32
C VAL B 256 -18.97 -45.25 -14.72
N ASP B 257 -19.21 -44.42 -15.73
CA ASP B 257 -18.93 -44.81 -17.12
C ASP B 257 -17.45 -44.76 -17.45
N ILE B 258 -16.59 -44.43 -16.50
CA ILE B 258 -15.14 -44.40 -16.72
C ILE B 258 -14.49 -45.71 -16.28
N LEU B 259 -14.81 -46.19 -15.08
CA LEU B 259 -14.26 -47.48 -14.64
C LEU B 259 -15.00 -48.67 -15.24
N ASN B 260 -16.15 -48.47 -15.89
CA ASN B 260 -16.79 -49.57 -16.60
C ASN B 260 -16.22 -49.74 -18.00
N SER B 261 -15.74 -48.66 -18.62
CA SER B 261 -15.04 -48.75 -19.89
C SER B 261 -13.56 -49.02 -19.72
N ASN B 262 -12.97 -48.54 -18.62
CA ASN B 262 -11.59 -48.87 -18.21
C ASN B 262 -10.57 -48.36 -19.22
N ASP B 263 -10.84 -47.20 -19.83
CA ASP B 263 -9.89 -46.63 -20.77
C ASP B 263 -8.76 -45.91 -20.05
N ASN B 264 -9.11 -44.96 -19.16
CA ASN B 264 -8.11 -44.22 -18.43
C ASN B 264 -7.50 -45.07 -17.33
N LYS B 265 -6.50 -44.52 -16.66
CA LYS B 265 -5.71 -45.25 -15.67
C LYS B 265 -5.98 -44.66 -14.29
N LEU B 266 -7.21 -44.86 -13.80
CA LEU B 266 -7.63 -44.36 -12.50
C LEU B 266 -8.28 -45.48 -11.71
N LYS B 267 -8.23 -45.33 -10.38
CA LYS B 267 -8.83 -46.28 -9.45
C LYS B 267 -10.22 -45.81 -9.03
N THR B 268 -10.76 -46.42 -7.99
CA THR B 268 -12.02 -45.99 -7.40
C THR B 268 -11.81 -44.90 -6.37
N ASP B 269 -10.84 -45.07 -5.46
CA ASP B 269 -10.49 -44.00 -4.55
C ASP B 269 -10.07 -42.74 -5.30
N HIS B 270 -9.55 -42.90 -6.52
CA HIS B 270 -9.22 -41.75 -7.35
C HIS B 270 -10.46 -40.92 -7.66
N LEU B 271 -11.60 -41.59 -7.87
CA LEU B 271 -12.83 -40.88 -8.23
C LEU B 271 -13.49 -40.23 -7.02
N LEU B 272 -13.59 -40.98 -5.92
CA LEU B 272 -14.15 -40.47 -4.68
C LEU B 272 -13.47 -39.17 -4.25
N HIS B 273 -12.15 -39.19 -4.19
CA HIS B 273 -11.42 -38.00 -3.77
C HIS B 273 -11.53 -36.88 -4.80
N LEU B 274 -11.80 -37.23 -6.07
CA LEU B 274 -12.10 -36.21 -7.07
C LEU B 274 -13.44 -35.54 -6.78
N MET B 275 -14.46 -36.33 -6.47
CA MET B 275 -15.76 -35.75 -6.14
C MET B 275 -15.68 -34.92 -4.86
N LEU B 276 -14.83 -35.30 -3.92
CA LEU B 276 -14.60 -34.48 -2.74
C LEU B 276 -14.06 -33.11 -3.15
N ASP B 277 -12.93 -33.08 -3.86
CA ASP B 277 -12.35 -31.82 -4.33
C ASP B 277 -13.37 -31.01 -5.14
N LEU B 278 -14.14 -31.70 -5.99
CA LEU B 278 -15.21 -31.01 -6.72
C LEU B 278 -16.23 -30.44 -5.75
N PHE B 279 -16.63 -31.24 -4.75
CA PHE B 279 -17.68 -30.83 -3.82
C PHE B 279 -17.18 -29.75 -2.87
N VAL B 280 -16.08 -30.03 -2.16
CA VAL B 280 -15.55 -29.06 -1.20
C VAL B 280 -15.00 -27.83 -1.90
N GLY B 281 -14.35 -28.03 -3.05
CA GLY B 281 -13.70 -26.92 -3.73
C GLY B 281 -14.66 -25.90 -4.31
N GLY B 282 -15.91 -26.27 -4.54
CA GLY B 282 -16.86 -25.38 -5.17
C GLY B 282 -17.91 -24.80 -4.25
N SER B 283 -17.91 -25.21 -2.99
CA SER B 283 -18.92 -24.74 -2.03
C SER B 283 -18.45 -23.50 -1.29
N GLU B 284 -17.42 -23.65 -0.45
CA GLU B 284 -16.95 -22.53 0.36
C GLU B 284 -16.35 -21.42 -0.50
N THR B 285 -15.96 -21.72 -1.74
CA THR B 285 -15.50 -20.66 -2.64
C THR B 285 -16.67 -19.83 -3.15
N SER B 286 -17.68 -20.50 -3.71
CA SER B 286 -18.87 -19.79 -4.19
C SER B 286 -19.62 -19.13 -3.03
N THR B 287 -19.71 -19.82 -1.89
CA THR B 287 -20.46 -19.28 -0.75
C THR B 287 -19.94 -17.90 -0.35
N THR B 288 -18.62 -17.73 -0.32
CA THR B 288 -18.06 -16.43 0.03
C THR B 288 -18.24 -15.44 -1.11
N GLU B 289 -17.98 -15.86 -2.34
CA GLU B 289 -18.08 -14.96 -3.49
C GLU B 289 -19.52 -14.75 -3.96
N ILE B 290 -20.51 -15.25 -3.23
CA ILE B 290 -21.88 -14.82 -3.41
C ILE B 290 -22.32 -13.90 -2.28
N GLU B 291 -21.67 -13.99 -1.12
CA GLU B 291 -21.89 -13.02 -0.05
C GLU B 291 -21.40 -11.64 -0.45
N TRP B 292 -20.41 -11.57 -1.34
CA TRP B 292 -19.81 -10.28 -1.68
C TRP B 292 -20.68 -9.46 -2.64
N ILE B 293 -21.09 -10.04 -3.78
CA ILE B 293 -21.93 -9.27 -4.70
C ILE B 293 -23.24 -8.87 -4.02
N MET B 294 -23.85 -9.81 -3.29
CA MET B 294 -25.07 -9.46 -2.57
C MET B 294 -24.80 -8.48 -1.42
N GLU B 295 -23.56 -8.10 -1.20
CA GLU B 295 -23.19 -6.97 -0.35
C GLU B 295 -22.82 -5.73 -1.16
N GLU B 296 -22.04 -5.91 -2.21
CA GLU B 296 -21.61 -4.77 -3.03
C GLU B 296 -22.81 -4.09 -3.69
N LEU B 297 -23.74 -4.87 -4.24
CA LEU B 297 -24.92 -4.28 -4.87
C LEU B 297 -25.82 -3.63 -3.83
N VAL B 298 -25.92 -4.21 -2.64
CA VAL B 298 -26.76 -3.63 -1.60
C VAL B 298 -26.13 -2.37 -1.03
N ALA B 299 -24.80 -2.33 -0.93
CA ALA B 299 -24.12 -1.15 -0.39
C ALA B 299 -24.01 -0.04 -1.42
N HIS B 300 -24.08 -0.34 -2.70
CA HIS B 300 -24.05 0.64 -3.78
C HIS B 300 -25.32 0.49 -4.58
N PRO B 301 -26.42 1.12 -4.14
CA PRO B 301 -27.72 0.90 -4.80
C PRO B 301 -27.76 1.41 -6.24
N ASP B 302 -26.86 2.32 -6.62
CA ASP B 302 -26.81 2.76 -8.01
C ASP B 302 -26.54 1.60 -8.95
N LYS B 303 -25.83 0.57 -8.48
CA LYS B 303 -25.39 -0.52 -9.34
C LYS B 303 -26.37 -1.68 -9.36
N MET B 304 -27.04 -1.97 -8.24
CA MET B 304 -28.10 -2.97 -8.25
C MET B 304 -29.24 -2.55 -9.17
N ALA B 305 -29.55 -1.25 -9.20
CA ALA B 305 -30.62 -0.75 -10.06
C ALA B 305 -30.30 -1.03 -11.53
N LYS B 306 -29.05 -0.88 -11.93
CA LYS B 306 -28.68 -1.18 -13.32
C LYS B 306 -28.75 -2.67 -13.60
N VAL B 307 -28.55 -3.50 -12.57
CA VAL B 307 -28.69 -4.94 -12.74
C VAL B 307 -30.15 -5.33 -12.83
N LYS B 308 -30.98 -4.78 -11.92
CA LYS B 308 -32.40 -5.07 -11.93
C LYS B 308 -33.05 -4.63 -13.24
N ALA B 309 -32.77 -3.40 -13.68
CA ALA B 309 -33.34 -2.91 -14.92
C ALA B 309 -32.86 -3.72 -16.12
N GLU B 310 -31.64 -4.28 -16.05
CA GLU B 310 -31.19 -5.20 -17.09
C GLU B 310 -31.93 -6.52 -17.01
N LEU B 311 -32.08 -7.07 -15.79
CA LEU B 311 -32.73 -8.36 -15.63
C LEU B 311 -34.19 -8.31 -16.05
N LYS B 312 -34.88 -7.21 -15.73
CA LYS B 312 -36.27 -7.05 -16.15
C LYS B 312 -36.37 -6.96 -17.67
N SER B 313 -35.30 -6.52 -18.33
CA SER B 313 -35.33 -6.41 -19.79
C SER B 313 -35.28 -7.78 -20.47
N VAL B 314 -34.75 -8.80 -19.78
CA VAL B 314 -34.57 -10.12 -20.37
C VAL B 314 -35.49 -11.15 -19.73
N MET B 315 -35.67 -11.09 -18.42
CA MET B 315 -36.46 -12.09 -17.71
C MET B 315 -37.91 -12.10 -18.19
N GLY B 316 -38.55 -10.94 -18.23
CA GLY B 316 -39.98 -10.90 -18.49
C GLY B 316 -40.77 -11.20 -17.23
N ASP B 317 -41.49 -12.31 -17.22
CA ASP B 317 -42.16 -12.79 -16.02
C ASP B 317 -41.52 -14.03 -15.42
N GLU B 318 -40.53 -14.62 -16.08
CA GLU B 318 -39.81 -15.76 -15.54
C GLU B 318 -39.04 -15.33 -14.28
N LYS B 319 -39.22 -16.08 -13.20
CA LYS B 319 -38.71 -15.67 -11.89
C LYS B 319 -37.46 -16.42 -11.44
N VAL B 320 -36.96 -17.35 -12.26
CA VAL B 320 -35.67 -17.98 -12.01
C VAL B 320 -34.79 -17.79 -13.24
N VAL B 321 -33.50 -17.56 -13.02
CA VAL B 321 -32.58 -17.20 -14.09
C VAL B 321 -32.02 -18.48 -14.69
N ASP B 322 -32.41 -18.78 -15.92
CA ASP B 322 -31.87 -19.94 -16.63
C ASP B 322 -30.43 -19.64 -17.03
N GLU B 323 -29.52 -20.57 -16.73
CA GLU B 323 -28.10 -20.35 -17.02
C GLU B 323 -27.81 -20.21 -18.51
N SER B 324 -28.78 -20.50 -19.38
CA SER B 324 -28.59 -20.26 -20.81
C SER B 324 -28.88 -18.82 -21.21
N LEU B 325 -29.35 -17.99 -20.28
CA LEU B 325 -29.53 -16.57 -20.52
C LEU B 325 -28.33 -15.76 -20.05
N MET B 326 -27.18 -16.39 -19.89
CA MET B 326 -25.96 -15.67 -19.54
C MET B 326 -25.56 -14.64 -20.59
N PRO B 327 -25.46 -14.95 -21.88
CA PRO B 327 -24.96 -13.95 -22.84
C PRO B 327 -25.82 -12.71 -22.94
N ARG B 328 -27.08 -12.78 -22.52
CA ARG B 328 -27.99 -11.63 -22.58
C ARG B 328 -27.96 -10.79 -21.31
N LEU B 329 -27.01 -11.06 -20.41
CA LEU B 329 -26.79 -10.26 -19.20
C LEU B 329 -25.35 -9.75 -19.21
N PRO B 330 -25.02 -8.81 -20.10
CA PRO B 330 -23.62 -8.34 -20.18
C PRO B 330 -23.18 -7.51 -18.99
N TYR B 331 -24.09 -7.11 -18.12
CA TYR B 331 -23.72 -6.34 -16.94
C TYR B 331 -23.54 -7.21 -15.71
N LEU B 332 -24.42 -8.19 -15.49
CA LEU B 332 -24.20 -9.15 -14.41
C LEU B 332 -22.89 -9.89 -14.57
N GLN B 333 -22.48 -10.15 -15.81
CA GLN B 333 -21.17 -10.75 -16.06
C GLN B 333 -20.06 -9.87 -15.49
N ALA B 334 -20.22 -8.55 -15.60
CA ALA B 334 -19.21 -7.64 -15.09
C ALA B 334 -19.27 -7.51 -13.58
N VAL B 335 -20.48 -7.50 -13.00
CA VAL B 335 -20.61 -7.37 -11.55
C VAL B 335 -19.87 -8.50 -10.85
N VAL B 336 -19.97 -9.72 -11.38
CA VAL B 336 -19.19 -10.83 -10.81
C VAL B 336 -17.70 -10.56 -10.97
N LYS B 337 -17.28 -10.17 -12.18
CA LYS B 337 -15.86 -9.89 -12.39
C LYS B 337 -15.35 -8.81 -11.45
N GLU B 338 -16.15 -7.76 -11.24
CA GLU B 338 -15.71 -6.67 -10.38
C GLU B 338 -15.61 -7.10 -8.93
N SER B 339 -16.54 -7.92 -8.46
CA SER B 339 -16.46 -8.43 -7.09
C SER B 339 -15.27 -9.37 -6.91
N MET B 340 -14.99 -10.22 -7.91
CA MET B 340 -13.78 -11.04 -7.87
C MET B 340 -12.54 -10.18 -7.80
N ARG B 341 -12.54 -9.06 -8.51
CA ARG B 341 -11.39 -8.16 -8.49
C ARG B 341 -11.17 -7.61 -7.09
N LEU B 342 -12.23 -7.03 -6.50
CA LEU B 342 -12.11 -6.47 -5.15
C LEU B 342 -11.79 -7.57 -4.14
N HIS B 343 -12.74 -8.51 -3.95
CA HIS B 343 -12.60 -9.60 -2.99
C HIS B 343 -12.53 -10.94 -3.70
N PRO B 344 -11.36 -11.38 -4.14
CA PRO B 344 -11.22 -12.76 -4.65
C PRO B 344 -11.38 -13.75 -3.52
N PRO B 345 -12.03 -14.91 -3.77
CA PRO B 345 -12.20 -15.88 -2.69
C PRO B 345 -10.89 -16.27 -2.03
N GLY B 346 -9.90 -16.64 -2.84
CA GLY B 346 -8.56 -16.84 -2.33
C GLY B 346 -7.68 -15.66 -2.69
N PRO B 347 -7.32 -14.86 -1.69
CA PRO B 347 -6.43 -13.71 -1.95
C PRO B 347 -5.05 -14.15 -2.39
N LEU B 348 -4.57 -15.29 -1.88
CA LEU B 348 -3.28 -15.85 -2.27
C LEU B 348 -3.44 -17.09 -3.15
N LEU B 349 -4.64 -17.35 -3.65
CA LEU B 349 -4.97 -18.47 -4.54
C LEU B 349 -4.59 -19.78 -3.82
N LEU B 350 -4.13 -20.77 -4.57
CA LEU B 350 -3.68 -22.05 -4.06
C LEU B 350 -2.18 -22.19 -4.24
N PRO B 351 -1.45 -22.62 -3.21
CA PRO B 351 0.01 -22.60 -3.27
C PRO B 351 0.55 -23.40 -4.44
N ARG B 352 1.50 -22.81 -5.15
CA ARG B 352 2.26 -23.49 -6.19
C ARG B 352 3.64 -23.84 -5.64
N LYS B 353 4.30 -24.79 -6.30
CA LYS B 353 5.61 -25.25 -5.86
C LYS B 353 6.57 -25.30 -7.03
N ALA B 354 7.76 -24.75 -6.83
CA ALA B 354 8.80 -24.77 -7.85
C ALA B 354 9.42 -26.16 -7.86
N GLU B 355 9.06 -26.96 -8.85
CA GLU B 355 9.53 -28.33 -8.95
C GLU B 355 10.97 -28.42 -9.45
N SER B 356 11.66 -27.30 -9.56
CA SER B 356 13.05 -27.25 -10.01
C SER B 356 13.58 -25.84 -9.79
N ASP B 357 14.89 -25.75 -9.53
CA ASP B 357 15.55 -24.45 -9.43
C ASP B 357 15.37 -23.68 -10.74
N GLN B 358 14.68 -22.54 -10.67
CA GLN B 358 14.43 -21.76 -11.87
C GLN B 358 14.62 -20.27 -11.56
N VAL B 359 15.23 -19.56 -12.50
CA VAL B 359 15.49 -18.12 -12.35
C VAL B 359 14.36 -17.34 -13.00
N VAL B 360 13.94 -16.28 -12.31
CA VAL B 360 12.92 -15.35 -12.81
C VAL B 360 13.41 -13.94 -12.50
N ASN B 361 13.52 -13.10 -13.54
CA ASN B 361 13.95 -11.70 -13.40
C ASN B 361 15.34 -11.61 -12.79
N GLY B 362 16.19 -12.61 -13.07
CA GLY B 362 17.52 -12.64 -12.53
C GLY B 362 17.62 -13.29 -11.17
N TYR B 363 16.55 -13.25 -10.38
CA TYR B 363 16.57 -13.85 -9.06
C TYR B 363 16.35 -15.36 -9.15
N LEU B 364 17.12 -16.09 -8.34
CA LEU B 364 17.01 -17.55 -8.28
C LEU B 364 15.84 -17.94 -7.37
N ILE B 365 14.96 -18.79 -7.87
CA ILE B 365 13.87 -19.36 -7.09
C ILE B 365 14.24 -20.82 -6.79
N PRO B 366 14.57 -21.15 -5.55
CA PRO B 366 15.02 -22.52 -5.25
C PRO B 366 13.93 -23.55 -5.48
N LYS B 367 14.35 -24.81 -5.57
CA LYS B 367 13.42 -25.91 -5.66
C LYS B 367 12.58 -26.01 -4.39
N GLY B 368 11.30 -26.35 -4.57
CA GLY B 368 10.40 -26.47 -3.43
C GLY B 368 10.02 -25.16 -2.79
N THR B 369 9.93 -24.09 -3.58
CA THR B 369 9.57 -22.76 -3.07
C THR B 369 8.06 -22.56 -3.20
N GLN B 370 7.37 -22.41 -2.06
CA GLN B 370 5.94 -22.13 -2.09
C GLN B 370 5.71 -20.75 -2.68
N VAL B 371 5.25 -20.69 -3.92
CA VAL B 371 5.03 -19.43 -4.62
C VAL B 371 3.55 -19.08 -4.47
N LEU B 372 3.26 -18.04 -3.70
CA LEU B 372 1.90 -17.52 -3.56
C LEU B 372 1.70 -16.37 -4.53
N ILE B 373 0.64 -16.45 -5.34
CA ILE B 373 0.29 -15.40 -6.29
C ILE B 373 -0.77 -14.55 -5.60
N ASN B 374 -0.35 -13.41 -5.04
CA ASN B 374 -1.29 -12.54 -4.34
C ASN B 374 -2.23 -11.90 -5.36
N ALA B 375 -3.45 -12.42 -5.45
CA ALA B 375 -4.48 -11.86 -6.30
C ALA B 375 -5.24 -10.73 -5.63
N TRP B 376 -5.05 -10.54 -4.32
CA TRP B 376 -5.72 -9.46 -3.62
C TRP B 376 -5.11 -8.11 -3.97
N ALA B 377 -3.78 -8.03 -3.95
CA ALA B 377 -3.12 -6.77 -4.33
C ALA B 377 -3.44 -6.38 -5.76
N MET B 378 -3.28 -7.32 -6.70
CA MET B 378 -3.52 -7.03 -8.10
C MET B 378 -4.97 -6.63 -8.36
N GLY B 379 -5.88 -6.92 -7.42
CA GLY B 379 -7.22 -6.37 -7.51
C GLY B 379 -7.30 -4.95 -6.99
N ARG B 380 -6.45 -4.60 -6.03
CA ARG B 380 -6.42 -3.25 -5.48
C ARG B 380 -5.10 -2.54 -5.75
N ASP B 381 -4.34 -2.97 -6.75
CA ASP B 381 -3.09 -2.30 -7.08
C ASP B 381 -3.41 -1.07 -7.92
N SER B 382 -3.01 0.11 -7.45
CA SER B 382 -3.30 1.34 -8.18
C SER B 382 -2.63 1.39 -9.54
N THR B 383 -1.57 0.59 -9.75
CA THR B 383 -0.88 0.57 -11.02
C THR B 383 -1.66 -0.20 -12.08
N ILE B 384 -2.54 -1.10 -11.67
CA ILE B 384 -3.36 -1.89 -12.59
C ILE B 384 -4.72 -1.23 -12.74
N TRP B 385 -5.58 -1.42 -11.75
CA TRP B 385 -6.92 -0.84 -11.77
C TRP B 385 -6.87 0.61 -11.30
N ASN B 386 -7.68 1.45 -11.93
CA ASN B 386 -7.74 2.87 -11.60
C ASN B 386 -8.90 3.11 -10.64
N ASN B 387 -8.64 3.85 -9.57
CA ASN B 387 -9.54 3.93 -8.43
C ASN B 387 -9.93 2.52 -7.96
N PRO B 388 -8.96 1.72 -7.51
CA PRO B 388 -9.26 0.32 -7.24
C PRO B 388 -10.18 0.12 -6.05
N ASP B 389 -10.17 1.05 -5.10
CA ASP B 389 -10.93 0.88 -3.87
C ASP B 389 -12.41 1.23 -4.02
N ALA B 390 -12.90 1.40 -5.25
CA ALA B 390 -14.30 1.73 -5.50
C ALA B 390 -14.94 0.64 -6.34
N PHE B 391 -16.12 0.20 -5.93
CA PHE B 391 -16.88 -0.79 -6.70
C PHE B 391 -17.53 -0.13 -7.90
N GLN B 392 -17.27 -0.68 -9.09
CA GLN B 392 -17.73 -0.10 -10.34
C GLN B 392 -17.63 -1.12 -11.46
N PRO B 393 -18.70 -1.91 -11.71
CA PRO B 393 -18.65 -2.90 -12.78
C PRO B 393 -18.64 -2.29 -14.17
N GLU B 394 -18.70 -0.96 -14.31
CA GLU B 394 -18.69 -0.33 -15.62
C GLU B 394 -17.35 -0.49 -16.32
N ARG B 395 -16.26 -0.67 -15.57
CA ARG B 395 -14.93 -0.78 -16.16
C ARG B 395 -14.74 -2.06 -16.96
N PHE B 396 -15.62 -3.04 -16.82
CA PHE B 396 -15.55 -4.27 -17.60
C PHE B 396 -16.49 -4.26 -18.81
N LEU B 397 -17.37 -3.27 -18.90
CA LEU B 397 -18.26 -3.16 -20.06
C LEU B 397 -17.45 -2.86 -21.31
N ASP B 398 -17.73 -3.61 -22.38
CA ASP B 398 -16.97 -3.54 -23.63
C ASP B 398 -15.48 -3.71 -23.35
N ASN B 399 -15.15 -4.70 -22.53
CA ASN B 399 -13.77 -5.05 -22.21
C ASN B 399 -13.68 -6.55 -22.12
N LYS B 400 -12.68 -7.13 -22.80
CA LYS B 400 -12.51 -8.57 -22.81
C LYS B 400 -11.73 -9.09 -21.60
N ILE B 401 -11.40 -8.24 -20.64
CA ILE B 401 -10.70 -8.72 -19.45
C ILE B 401 -11.59 -9.73 -18.74
N ASP B 402 -11.11 -10.96 -18.65
CA ASP B 402 -11.90 -12.08 -18.16
C ASP B 402 -11.08 -12.90 -17.18
N PHE B 403 -11.78 -13.65 -16.33
CA PHE B 403 -11.15 -14.48 -15.33
C PHE B 403 -10.78 -15.87 -15.85
N LYS B 404 -10.69 -16.02 -17.18
CA LYS B 404 -10.37 -17.32 -17.76
C LYS B 404 -8.94 -17.74 -17.49
N GLY B 405 -8.09 -16.83 -17.01
CA GLY B 405 -6.71 -17.13 -16.71
C GLY B 405 -5.72 -16.41 -17.60
N GLN B 406 -6.14 -15.92 -18.77
CA GLN B 406 -5.24 -15.27 -19.70
C GLN B 406 -5.07 -13.78 -19.45
N ASP B 407 -5.94 -13.17 -18.67
CA ASP B 407 -5.84 -11.74 -18.34
C ASP B 407 -5.29 -11.66 -16.92
N TYR B 408 -3.97 -11.62 -16.82
CA TYR B 408 -3.29 -11.64 -15.52
C TYR B 408 -3.60 -10.42 -14.66
N GLU B 409 -4.31 -9.42 -15.21
CA GLU B 409 -4.89 -8.41 -14.33
C GLU B 409 -6.01 -9.00 -13.48
N LEU B 410 -6.66 -10.06 -13.97
CA LEU B 410 -7.73 -10.76 -13.26
C LEU B 410 -7.35 -12.24 -13.16
N ILE B 411 -6.87 -12.65 -11.99
CA ILE B 411 -6.57 -14.07 -11.76
C ILE B 411 -7.29 -14.51 -10.48
N PRO B 412 -8.62 -14.66 -10.48
CA PRO B 412 -9.27 -15.25 -9.31
C PRO B 412 -9.32 -16.77 -9.39
N PHE B 413 -9.38 -17.30 -10.61
CA PHE B 413 -9.46 -18.74 -10.85
C PHE B 413 -8.10 -19.34 -11.18
N GLY B 414 -7.01 -18.63 -10.91
CA GLY B 414 -5.71 -19.13 -11.29
C GLY B 414 -5.51 -19.11 -12.80
N SER B 415 -4.41 -19.72 -13.21
CA SER B 415 -4.07 -19.88 -14.61
C SER B 415 -3.06 -21.01 -14.72
N GLY B 416 -2.33 -21.05 -15.84
CA GLY B 416 -1.30 -22.06 -15.97
C GLY B 416 -1.86 -23.48 -16.03
N ARG B 417 -1.01 -24.43 -15.67
CA ARG B 417 -1.37 -25.83 -15.82
C ARG B 417 -2.49 -26.25 -14.89
N ARG B 418 -2.54 -25.70 -13.68
CA ARG B 418 -3.56 -26.09 -12.70
C ARG B 418 -4.66 -25.04 -12.58
N VAL B 419 -5.19 -24.59 -13.73
CA VAL B 419 -6.29 -23.63 -13.69
C VAL B 419 -7.50 -24.30 -13.02
N CYS B 420 -8.39 -23.47 -12.50
CA CYS B 420 -9.60 -23.97 -11.84
C CYS B 420 -10.46 -24.76 -12.82
N PRO B 421 -10.65 -26.07 -12.60
CA PRO B 421 -11.52 -26.85 -13.49
C PRO B 421 -13.00 -26.62 -13.27
N GLY B 422 -13.40 -25.97 -12.19
CA GLY B 422 -14.81 -25.75 -11.91
C GLY B 422 -15.29 -24.36 -12.27
N MET B 423 -14.52 -23.67 -13.12
CA MET B 423 -14.92 -22.34 -13.56
C MET B 423 -16.24 -22.34 -14.32
N PRO B 424 -16.46 -23.22 -15.31
CA PRO B 424 -17.75 -23.16 -16.03
C PRO B 424 -18.95 -23.45 -15.14
N LEU B 425 -18.76 -24.19 -14.05
CA LEU B 425 -19.83 -24.41 -13.09
C LEU B 425 -19.89 -23.30 -12.06
N ALA B 426 -18.76 -22.65 -11.77
CA ALA B 426 -18.74 -21.58 -10.80
C ALA B 426 -19.55 -20.37 -11.28
N ASN B 427 -19.25 -19.86 -12.47
CA ASN B 427 -19.90 -18.64 -12.94
C ASN B 427 -21.38 -18.86 -13.21
N ARG B 428 -21.77 -20.05 -13.71
CA ARG B 428 -23.18 -20.34 -13.87
C ARG B 428 -23.90 -20.36 -12.52
N MET B 429 -23.20 -20.73 -11.46
CA MET B 429 -23.77 -20.61 -10.11
C MET B 429 -23.76 -19.16 -9.66
N LEU B 430 -22.57 -18.56 -9.56
CA LEU B 430 -22.42 -17.21 -9.03
C LEU B 430 -23.36 -16.22 -9.70
N HIS B 431 -23.77 -16.47 -10.94
CA HIS B 431 -24.65 -15.58 -11.67
C HIS B 431 -26.12 -15.85 -11.39
N THR B 432 -26.55 -17.11 -11.48
CA THR B 432 -27.97 -17.43 -11.36
C THR B 432 -28.47 -17.27 -9.92
N VAL B 433 -27.74 -17.82 -8.94
CA VAL B 433 -28.19 -17.72 -7.56
C VAL B 433 -28.08 -16.30 -7.04
N THR B 434 -27.34 -15.42 -7.72
CA THR B 434 -27.37 -14.00 -7.43
C THR B 434 -28.51 -13.30 -8.16
N ALA B 435 -28.61 -13.51 -9.48
CA ALA B 435 -29.63 -12.86 -10.29
C ALA B 435 -31.04 -13.30 -9.93
N THR B 436 -31.20 -14.40 -9.19
CA THR B 436 -32.54 -14.78 -8.75
C THR B 436 -32.97 -14.00 -7.51
N LEU B 437 -32.01 -13.60 -6.67
CA LEU B 437 -32.31 -12.76 -5.53
C LEU B 437 -32.41 -11.29 -5.89
N VAL B 438 -31.78 -10.88 -6.98
CA VAL B 438 -31.83 -9.48 -7.40
C VAL B 438 -33.14 -9.18 -8.12
N HIS B 439 -33.53 -10.03 -9.07
CA HIS B 439 -34.69 -9.75 -9.90
C HIS B 439 -36.00 -9.90 -9.14
N ASN B 440 -36.03 -10.68 -8.06
CA ASN B 440 -37.29 -10.98 -7.39
C ASN B 440 -37.60 -10.05 -6.23
N PHE B 441 -36.60 -9.58 -5.49
CA PHE B 441 -36.84 -8.78 -4.30
C PHE B 441 -35.98 -7.53 -4.32
N ASP B 442 -36.38 -6.56 -3.51
CA ASP B 442 -35.54 -5.44 -3.12
C ASP B 442 -34.92 -5.75 -1.77
N TRP B 443 -33.63 -5.50 -1.64
CA TRP B 443 -32.89 -5.84 -0.44
C TRP B 443 -32.40 -4.59 0.28
N LYS B 444 -32.31 -4.70 1.60
CA LYS B 444 -31.73 -3.66 2.44
C LYS B 444 -31.08 -4.34 3.64
N LEU B 445 -30.03 -3.70 4.17
CA LEU B 445 -29.30 -4.28 5.29
C LEU B 445 -30.20 -4.40 6.51
N GLU B 446 -30.10 -5.54 7.20
CA GLU B 446 -30.80 -5.70 8.47
C GLU B 446 -30.39 -4.62 9.46
N ARG B 447 -29.17 -4.11 9.35
CA ARG B 447 -28.65 -3.11 10.28
C ARG B 447 -27.98 -2.00 9.47
N PRO B 448 -28.68 -0.89 9.20
CA PRO B 448 -28.03 0.24 8.52
C PRO B 448 -27.10 1.04 9.40
N ASP B 449 -27.27 0.98 10.73
CA ASP B 449 -26.32 1.60 11.65
C ASP B 449 -25.31 0.53 12.12
N ALA B 450 -24.48 0.10 11.17
CA ALA B 450 -23.54 -0.97 11.42
C ALA B 450 -22.11 -0.47 11.27
N PRO B 451 -21.18 -1.00 12.04
CA PRO B 451 -19.77 -0.59 11.90
C PRO B 451 -19.24 -1.01 10.54
N LEU B 452 -18.60 -0.06 9.84
CA LEU B 452 -18.04 -0.36 8.54
C LEU B 452 -16.88 -1.35 8.60
N ALA B 453 -16.41 -1.68 9.82
CA ALA B 453 -15.44 -2.76 9.95
C ALA B 453 -16.03 -4.10 9.54
N GLU B 454 -17.35 -4.27 9.72
CA GLU B 454 -18.01 -5.49 9.26
C GLU B 454 -18.13 -5.49 7.74
N HIS B 455 -18.59 -4.38 7.18
CA HIS B 455 -18.62 -4.23 5.73
C HIS B 455 -17.21 -4.37 5.17
N GLN B 456 -17.12 -4.99 3.98
CA GLN B 456 -15.85 -5.35 3.35
C GLN B 456 -14.83 -5.86 4.35
N GLY B 457 -15.29 -6.69 5.29
CA GLY B 457 -14.39 -7.32 6.24
C GLY B 457 -13.70 -8.53 5.65
N VAL B 458 -12.52 -8.84 6.18
CA VAL B 458 -11.66 -9.89 5.65
C VAL B 458 -11.43 -10.94 6.72
N LEU B 459 -11.68 -12.20 6.37
CA LEU B 459 -11.41 -13.37 7.20
C LEU B 459 -10.46 -14.31 6.46
N PHE B 460 -9.22 -14.38 6.90
CA PHE B 460 -8.24 -15.24 6.26
C PHE B 460 -8.47 -16.70 6.64
N GLY B 461 -8.39 -17.57 5.63
CA GLY B 461 -8.54 -19.00 5.81
C GLY B 461 -8.47 -19.73 4.48
N PHE B 462 -9.41 -20.65 4.25
CA PHE B 462 -9.53 -21.22 2.91
C PHE B 462 -10.05 -20.18 1.92
N ALA B 463 -10.96 -19.33 2.39
CA ALA B 463 -11.51 -18.24 1.59
C ALA B 463 -11.75 -17.04 2.50
N VAL B 464 -11.67 -15.84 1.91
CA VAL B 464 -11.92 -14.59 2.61
C VAL B 464 -13.40 -14.25 2.53
N ARG B 465 -14.01 -13.95 3.68
CA ARG B 465 -15.42 -13.60 3.75
C ARG B 465 -15.58 -12.37 4.64
N ARG B 466 -16.80 -11.85 4.69
CA ARG B 466 -17.10 -10.68 5.49
C ARG B 466 -16.84 -10.96 6.97
N ALA B 467 -16.48 -9.91 7.71
CA ALA B 467 -16.25 -10.06 9.14
C ALA B 467 -17.52 -10.48 9.88
N VAL B 468 -18.67 -10.04 9.39
CA VAL B 468 -19.96 -10.43 9.93
C VAL B 468 -20.76 -11.03 8.78
N PRO B 469 -21.41 -12.18 8.96
CA PRO B 469 -22.21 -12.74 7.86
C PRO B 469 -23.26 -11.75 7.39
N LEU B 470 -23.38 -11.62 6.08
CA LEU B 470 -24.33 -10.66 5.51
C LEU B 470 -25.76 -11.06 5.85
N ARG B 471 -26.47 -10.15 6.52
CA ARG B 471 -27.87 -10.37 6.87
C ARG B 471 -28.67 -9.18 6.35
N ILE B 472 -29.47 -9.43 5.32
CA ILE B 472 -30.32 -8.43 4.70
C ILE B 472 -31.74 -8.98 4.65
N VAL B 473 -32.67 -8.13 4.25
CA VAL B 473 -34.08 -8.51 4.24
C VAL B 473 -34.67 -8.35 2.84
N PRO B 474 -35.50 -9.29 2.39
CA PRO B 474 -36.27 -9.06 1.15
C PRO B 474 -37.64 -8.46 1.46
N TYR B 475 -37.91 -7.25 0.97
CA TYR B 475 -39.16 -6.57 1.28
C TYR B 475 -40.02 -6.34 0.03
N LYS B 476 -39.85 -7.15 -1.00
CA LYS B 476 -40.78 -7.20 -2.12
C LYS B 476 -40.96 -8.63 -2.64
CHA HEM C . 13.19 16.02 -0.39
CHB HEM C . 15.43 19.52 2.11
CHC HEM C . 11.46 22.29 1.80
CHD HEM C . 9.00 18.33 0.48
C1A HEM C . 14.19 16.74 0.25
C2A HEM C . 15.59 16.40 0.36
C3A HEM C . 16.20 17.37 1.05
C4A HEM C . 15.21 18.37 1.40
CMA HEM C . 17.70 17.44 1.43
CAA HEM C . 16.28 15.14 -0.19
CBA HEM C . 17.11 15.49 -1.43
CGA HEM C . 17.96 14.31 -1.81
O1A HEM C . 18.79 14.44 -2.75
O2A HEM C . 17.81 13.24 -1.19
C1B HEM C . 14.59 20.61 2.16
C2B HEM C . 14.96 21.94 2.55
C3B HEM C . 13.88 22.73 2.48
C4B HEM C . 12.77 21.91 2.02
CMB HEM C . 16.38 22.37 2.97
CAB HEM C . 13.90 24.24 2.82
CBB HEM C . 12.78 24.93 3.07
C1C HEM C . 10.44 21.47 1.37
C2C HEM C . 9.11 21.89 0.99
C3C HEM C . 8.43 20.78 0.62
C4C HEM C . 9.31 19.65 0.75
CMC HEM C . 8.63 23.36 1.03
CAC HEM C . 6.96 20.63 0.13
CBC HEM C . 6.17 21.64 -0.22
C1D HEM C . 9.91 17.35 0.10
C2D HEM C . 9.59 16.04 -0.43
C3D HEM C . 10.74 15.39 -0.67
C4D HEM C . 11.83 16.28 -0.30
CMD HEM C . 8.16 15.48 -0.66
CAD HEM C . 10.87 13.96 -1.24
CBD HEM C . 11.45 14.03 -2.65
CGD HEM C . 11.71 12.64 -3.18
O1D HEM C . 11.73 12.48 -4.42
O2D HEM C . 11.88 11.71 -2.35
NA HEM C . 13.99 17.95 0.89
NB HEM C . 13.24 20.62 1.85
NC HEM C . 10.53 20.11 1.21
ND HEM C . 11.28 17.46 0.15
FE HEM C . 12.24 19.02 1.07
CHA HEM D . -8.14 -25.07 -8.20
CHB HEM D . -10.22 -20.88 -6.94
CHC HEM D . -14.60 -22.78 -7.78
CHD HEM D . -12.52 -27.16 -7.89
C1A HEM D . -8.32 -23.73 -7.90
C2A HEM D . -7.29 -22.70 -7.88
C3A HEM D . -7.88 -21.54 -7.53
C4A HEM D . -9.28 -21.81 -7.31
CMA HEM D . -7.19 -20.17 -7.38
CAA HEM D . -5.80 -22.89 -8.21
CBA HEM D . -5.51 -22.31 -9.59
CGA HEM D . -4.03 -22.29 -9.83
O1A HEM D . -3.61 -21.74 -10.87
O2A HEM D . -3.27 -22.85 -8.98
C1B HEM D . -11.59 -20.99 -7.13
C2B HEM D . -12.54 -19.90 -7.11
C3B HEM D . -13.76 -20.40 -7.34
C4B HEM D . -13.61 -21.85 -7.52
CMB HEM D . -12.21 -18.42 -6.87
CAB HEM D . -15.04 -19.54 -7.41
CBB HEM D . -16.25 -20.08 -7.30
C1C HEM D . -14.42 -24.14 -7.93
C2C HEM D . -15.44 -25.11 -8.31
C3C HEM D . -14.86 -26.33 -8.35
C4C HEM D . -13.46 -26.16 -7.98
CMC HEM D . -16.90 -24.72 -8.62
CAC HEM D . -15.46 -27.71 -8.69
CBC HEM D . -16.66 -27.89 -9.25
C1D HEM D . -11.15 -27.00 -8.02
C2D HEM D . -10.17 -28.04 -8.20
C3D HEM D . -8.95 -27.48 -8.29
C4D HEM D . -9.12 -26.03 -8.17
CMD HEM D . -10.48 -29.55 -8.26
CAD HEM D . -7.61 -28.23 -8.48
CBD HEM D . -7.04 -27.95 -9.86
CGD HEM D . -5.68 -28.56 -10.04
O1D HEM D . -5.30 -28.84 -11.20
O2D HEM D . -4.99 -28.78 -9.02
NA HEM D . -9.51 -23.14 -7.54
NB HEM D . -12.27 -22.15 -7.37
NC HEM D . -13.24 -24.82 -7.74
ND HEM D . -10.48 -25.79 -8.01
FE HEM D . -11.36 -23.97 -7.67
#